data_1FX0
#
_entry.id   1FX0
#
_cell.length_a   147.700
_cell.length_b   147.700
_cell.length_c   385.050
_cell.angle_alpha   90.00
_cell.angle_beta   90.00
_cell.angle_gamma   120.00
#
_symmetry.space_group_name_H-M   'H 3 2'
#
loop_
_entity.id
_entity.type
_entity.pdbx_description
1 polymer 'ATP SYNTHASE ALPHA CHAIN'
2 polymer 'ATP SYNTHASE BETA CHAIN'
#
loop_
_entity_poly.entity_id
_entity_poly.type
_entity_poly.pdbx_seq_one_letter_code
_entity_poly.pdbx_strand_id
1 'polypeptide(L)'
;MATIRADEISKIIRERIEGYNREVKVVNTGTVLQVGDGIARIHGLDEVMAGELVEFEEGTIGIALNLESNNVGVVLMGDG
LMIQEGSSVKATGRIAQIPVSEAYLGRVINALAKPIDGRGEITASESRLIESPAPGIMSRRSVYEPLQTGLIAIDAMIPV
GRGQRELIIGDRQTGKTAVATDTILNQQGQNVICVYVAIGQKASSVAQVVTNFQERGAMEYTIVVAETADSPATLQYLAP
YTGAALAEYFMYRERHTLIIYDDLSKQAQAYRQMSLLLRRPPGREAYPGDVFYLHSRLLERAAKLSSLLGEGSMTALPIV
ETQAGDVSAYIPTNVISITDGQIFLSADLFNAGIRPAINVGISVSRVGSAAQIKAMKKVAGKLKLELAQFAELEAFAQFA
SDLDKATQNQLARGQRLRELLKQPQSAPLTVEEQVMTIYTGTNGYLDSLELDQVRKYLVELRTYVKTNKPEFQEIISSTK
TFTEEAEALLKEAIQEQMERFLLQEQA
;
A
2 'polypeptide(L)'
;MRINPTTSDPGVSTLEKKNLGRIAQIIGPVLNVAFPPGKMPNIYNALIVKGRDTAGQPMNVTCEVQQLLGNNRVRAVAMS
ATDGLTRGMEVIDTGAPLSVPVGGPTLGRIFNVLGEPVDNLRPVDTRTTSPIHRSAPAFTQLDTKLSIFETGIKVVNLLA
PYRRGGKIGLFGGAGVGKTVLIMELINNIAKAHGGVSVFGGVGERTREGNDLYMEMKESGVINEQNIAESKVALVYGQMN
EPPGARMRVGLTALTMAEYFRDVNEQDVLLFIDNIFRFVQAGSEVSALLGRMPSAVGYQPTLSTEMGSLQERITSTKEGS
ITSIQAVYVPADDLTDPAPATTFAHLDATTVLSRGLAAKGIYPAVDPLDSTSTMLQPRIVGEEHYEIAQRVKETLQRYKE
LQDIIAILGLDELSEEDRLTVARARKIERFLSQPFFVAEVFTGSPGKYVGLAETIRGFQLILSGELDSLPEQAFYLVGNI
DEATAKAMNLEMESKLKK
;
B
#
# COMPACT_ATOMS: atom_id res chain seq x y z
N LYS A 25 11.74 42.96 17.19
CA LYS A 25 12.52 42.59 15.99
C LYS A 25 11.66 41.91 14.93
N VAL A 26 11.03 42.73 14.10
CA VAL A 26 10.18 42.24 13.03
C VAL A 26 11.03 42.11 11.77
N VAL A 27 12.30 41.78 11.97
CA VAL A 27 13.26 41.62 10.88
C VAL A 27 13.75 40.18 10.79
N ASN A 28 14.09 39.60 11.94
CA ASN A 28 14.56 38.22 12.00
C ASN A 28 13.71 37.33 12.89
N THR A 29 12.79 37.94 13.63
CA THR A 29 11.89 37.19 14.48
C THR A 29 10.46 37.63 14.17
N GLY A 30 9.49 36.90 14.71
CA GLY A 30 8.10 37.24 14.47
C GLY A 30 7.17 36.37 15.29
N THR A 31 5.89 36.72 15.27
CA THR A 31 4.89 35.98 16.02
C THR A 31 4.09 35.02 15.15
N VAL A 32 3.59 33.94 15.74
CA VAL A 32 2.75 33.01 14.98
C VAL A 32 1.35 33.59 15.08
N LEU A 33 0.62 33.61 13.98
CA LEU A 33 -0.74 34.15 13.98
C LEU A 33 -1.78 33.07 14.06
N GLN A 34 -1.59 32.02 13.25
CA GLN A 34 -2.53 30.91 13.22
C GLN A 34 -1.84 29.61 12.81
N VAL A 35 -2.21 28.51 13.48
CA VAL A 35 -1.62 27.19 13.23
C VAL A 35 -2.74 26.24 12.76
N GLY A 36 -3.19 26.39 11.52
CA GLY A 36 -4.27 25.54 11.07
C GLY A 36 -3.98 24.45 10.05
N ASP A 37 -4.08 23.20 10.51
CA ASP A 37 -3.89 22.04 9.66
C ASP A 37 -2.48 21.74 9.16
N GLY A 38 -1.48 21.93 10.01
CA GLY A 38 -0.11 21.66 9.60
C GLY A 38 0.57 22.82 8.90
N ILE A 39 -0.15 23.94 8.80
CA ILE A 39 0.40 25.13 8.17
C ILE A 39 0.39 26.22 9.23
N ALA A 40 1.27 27.19 9.06
CA ALA A 40 1.37 28.30 9.98
C ALA A 40 1.30 29.59 9.18
N ARG A 41 0.98 30.67 9.87
CA ARG A 41 0.88 31.97 9.23
C ARG A 41 1.67 32.92 10.11
N ILE A 42 2.96 32.99 9.84
CA ILE A 42 3.84 33.86 10.58
C ILE A 42 3.58 35.30 10.17
N HIS A 43 3.80 36.23 11.09
CA HIS A 43 3.62 37.66 10.86
C HIS A 43 4.96 38.34 11.13
N GLY A 44 5.34 39.24 10.24
CA GLY A 44 6.62 39.91 10.41
C GLY A 44 7.62 39.20 9.52
N LEU A 45 8.77 38.84 10.08
CA LEU A 45 9.83 38.16 9.34
C LEU A 45 10.12 38.74 7.96
N ASP A 46 10.29 40.06 7.91
CA ASP A 46 10.59 40.78 6.67
C ASP A 46 11.73 40.19 5.83
N GLU A 47 12.81 39.80 6.49
CA GLU A 47 13.98 39.24 5.80
C GLU A 47 13.87 37.85 5.16
N VAL A 48 12.97 37.00 5.64
CA VAL A 48 12.86 35.64 5.10
C VAL A 48 12.99 35.51 3.58
N MET A 49 13.53 34.37 3.13
CA MET A 49 13.70 34.09 1.70
C MET A 49 12.78 32.97 1.30
N ALA A 50 12.41 32.93 0.01
CA ALA A 50 11.54 31.87 -0.48
C ALA A 50 12.32 30.57 -0.45
N GLY A 51 11.89 29.66 0.42
CA GLY A 51 12.57 28.38 0.55
C GLY A 51 13.52 28.40 1.72
N GLU A 52 13.24 29.24 2.71
CA GLU A 52 14.11 29.35 3.87
C GLU A 52 13.46 28.83 5.15
N LEU A 53 14.16 27.92 5.81
CA LEU A 53 13.67 27.34 7.05
C LEU A 53 13.52 28.41 8.13
N VAL A 54 12.52 28.22 8.99
CA VAL A 54 12.27 29.13 10.10
C VAL A 54 12.11 28.19 11.30
N GLU A 55 12.36 28.70 12.50
CA GLU A 55 12.27 27.89 13.71
C GLU A 55 11.19 28.42 14.63
N PHE A 56 10.57 27.54 15.39
CA PHE A 56 9.52 27.93 16.32
C PHE A 56 10.03 27.90 17.75
N GLU A 57 9.19 28.24 18.71
CA GLU A 57 9.58 28.23 20.11
C GLU A 57 9.66 26.80 20.61
N GLU A 58 8.65 26.00 20.30
CA GLU A 58 8.62 24.60 20.73
C GLU A 58 9.57 23.74 19.90
N GLY A 59 10.50 24.39 19.20
CA GLY A 59 11.48 23.67 18.41
C GLY A 59 10.97 22.92 17.19
N THR A 60 10.02 23.49 16.47
CA THR A 60 9.47 22.85 15.28
C THR A 60 10.05 23.50 14.02
N ILE A 61 10.47 22.69 13.06
CA ILE A 61 11.06 23.19 11.82
C ILE A 61 9.98 23.46 10.77
N GLY A 62 10.29 24.35 9.82
CA GLY A 62 9.34 24.68 8.78
C GLY A 62 9.95 25.46 7.62
N ILE A 63 9.43 25.22 6.42
CA ILE A 63 9.89 25.87 5.20
C ILE A 63 9.00 27.08 4.86
N ALA A 64 9.52 28.00 4.05
CA ALA A 64 8.74 29.20 3.69
C ALA A 64 8.35 29.23 2.22
N LEU A 65 7.05 29.33 1.94
CA LEU A 65 6.58 29.34 0.57
C LEU A 65 5.72 30.54 0.14
N ASN A 66 5.05 31.18 1.09
CA ASN A 66 4.18 32.31 0.80
C ASN A 66 4.65 33.61 1.46
N LEU A 67 5.50 34.36 0.76
CA LEU A 67 5.99 35.61 1.34
C LEU A 67 5.07 36.78 1.01
N GLU A 68 3.79 36.57 1.34
CA GLU A 68 2.70 37.51 1.13
C GLU A 68 2.96 38.91 1.69
N SER A 69 2.21 39.89 1.20
CA SER A 69 2.37 41.29 1.59
C SER A 69 2.76 41.60 3.03
N ASN A 70 2.07 41.02 4.00
CA ASN A 70 2.39 41.31 5.39
C ASN A 70 2.53 40.08 6.28
N ASN A 71 2.25 38.90 5.73
CA ASN A 71 2.36 37.68 6.53
C ASN A 71 3.03 36.53 5.79
N VAL A 72 3.96 35.85 6.46
CA VAL A 72 4.65 34.73 5.86
C VAL A 72 3.79 33.48 6.04
N GLY A 73 3.76 32.64 5.00
CA GLY A 73 2.96 31.43 5.06
C GLY A 73 3.85 30.22 5.13
N VAL A 74 4.08 29.71 6.33
CA VAL A 74 4.94 28.54 6.52
C VAL A 74 4.21 27.22 6.62
N VAL A 75 4.74 26.22 5.93
CA VAL A 75 4.21 24.87 5.93
C VAL A 75 5.01 24.08 6.98
N LEU A 76 4.38 23.73 8.09
CA LEU A 76 5.07 23.04 9.16
C LEU A 76 5.70 21.72 8.74
N MET A 77 6.57 21.19 9.60
CA MET A 77 7.27 19.93 9.36
C MET A 77 7.20 19.03 10.59
N GLY A 78 6.01 18.53 10.89
CA GLY A 78 5.83 17.66 12.03
C GLY A 78 4.55 17.99 12.76
N ASP A 79 4.37 17.44 13.96
CA ASP A 79 3.16 17.70 14.72
C ASP A 79 3.07 19.18 15.06
N GLY A 80 2.17 19.89 14.36
CA GLY A 80 2.01 21.30 14.63
C GLY A 80 1.24 21.53 15.91
N LEU A 81 0.77 20.43 16.50
CA LEU A 81 0.01 20.48 17.73
C LEU A 81 0.71 21.29 18.80
N MET A 82 2.01 21.52 18.61
CA MET A 82 2.79 22.25 19.60
C MET A 82 2.72 23.78 19.51
N ILE A 83 2.83 24.32 18.30
CA ILE A 83 2.82 25.77 18.08
C ILE A 83 1.62 26.47 18.72
N GLN A 84 1.89 27.59 19.40
CA GLN A 84 0.84 28.37 20.04
C GLN A 84 0.80 29.80 19.53
N GLU A 85 -0.39 30.21 19.07
CA GLU A 85 -0.62 31.55 18.55
C GLU A 85 -0.11 32.62 19.51
N GLY A 86 1.11 33.09 19.26
CA GLY A 86 1.69 34.10 20.11
C GLY A 86 3.17 33.80 20.29
N SER A 87 3.51 32.53 20.09
CA SER A 87 4.88 32.08 20.21
C SER A 87 5.66 32.76 19.09
N SER A 88 6.95 33.02 19.35
CA SER A 88 7.80 33.67 18.36
C SER A 88 8.42 32.70 17.36
N VAL A 89 9.00 33.26 16.31
CA VAL A 89 9.63 32.46 15.26
C VAL A 89 10.96 33.10 14.87
N LYS A 90 12.03 32.31 14.90
CA LYS A 90 13.36 32.79 14.51
C LYS A 90 13.62 32.34 13.07
N ALA A 91 14.54 33.02 12.40
CA ALA A 91 14.86 32.68 11.01
C ALA A 91 16.21 31.97 10.87
N THR A 92 16.16 30.66 10.62
CA THR A 92 17.37 29.86 10.46
C THR A 92 18.31 30.46 9.42
N GLY A 93 17.75 31.21 8.47
CA GLY A 93 18.53 31.81 7.41
C GLY A 93 19.08 30.78 6.46
N ARG A 94 18.85 29.51 6.78
CA ARG A 94 19.34 28.41 5.97
C ARG A 94 18.27 27.90 5.01
N ILE A 95 18.68 27.56 3.80
CA ILE A 95 17.78 27.08 2.76
C ILE A 95 17.76 25.55 2.60
N ALA A 96 17.06 24.89 3.52
CA ALA A 96 16.89 23.44 3.51
C ALA A 96 18.09 22.59 3.10
N GLN A 97 19.10 22.52 3.94
CA GLN A 97 20.25 21.70 3.61
C GLN A 97 20.05 20.34 4.23
N ILE A 98 20.70 19.34 3.63
CA ILE A 98 20.60 17.96 4.09
C ILE A 98 22.01 17.40 4.12
N PRO A 99 22.40 16.77 5.24
CA PRO A 99 23.76 16.20 5.32
C PRO A 99 23.91 15.07 4.31
N VAL A 100 25.16 14.76 3.96
CA VAL A 100 25.42 13.70 3.01
C VAL A 100 26.84 13.20 3.16
N SER A 101 27.07 11.94 2.81
CA SER A 101 28.39 11.33 2.92
C SER A 101 28.31 9.84 2.65
N GLU A 102 29.42 9.15 2.91
CA GLU A 102 29.51 7.71 2.73
C GLU A 102 28.95 7.06 3.98
N ALA A 103 29.02 7.82 5.08
CA ALA A 103 28.57 7.36 6.38
C ALA A 103 27.24 6.62 6.41
N TYR A 104 26.36 6.88 5.44
CA TYR A 104 25.05 6.24 5.41
C TYR A 104 25.09 4.76 4.99
N LEU A 105 25.23 4.53 3.70
CA LEU A 105 25.29 3.18 3.13
C LEU A 105 24.84 2.03 4.03
N GLY A 106 23.63 2.13 4.56
CA GLY A 106 23.13 1.07 5.42
C GLY A 106 22.32 1.54 6.60
N ARG A 107 21.95 2.81 6.58
CA ARG A 107 21.17 3.39 7.66
C ARG A 107 19.80 3.83 7.18
N VAL A 108 18.74 3.30 7.78
CA VAL A 108 17.39 3.71 7.40
C VAL A 108 17.24 5.14 7.90
N ILE A 109 17.50 6.07 6.99
CA ILE A 109 17.47 7.49 7.24
C ILE A 109 16.02 8.02 7.21
N ASN A 110 15.82 9.24 7.70
CA ASN A 110 14.49 9.87 7.76
C ASN A 110 14.11 10.77 6.57
N ALA A 111 13.55 11.93 6.88
CA ALA A 111 13.12 12.90 5.87
C ALA A 111 14.05 14.09 5.90
N LEU A 112 14.67 14.32 7.05
CA LEU A 112 15.60 15.42 7.23
C LEU A 112 16.95 14.79 7.53
N ALA A 113 17.13 13.56 7.07
CA ALA A 113 18.35 12.81 7.25
C ALA A 113 18.78 12.67 8.72
N LYS A 114 17.97 11.99 9.50
CA LYS A 114 18.25 11.73 10.91
C LYS A 114 17.74 10.32 11.20
N PRO A 115 18.65 9.41 11.56
CA PRO A 115 18.33 8.00 11.85
C PRO A 115 17.01 7.64 12.53
N ILE A 116 16.39 6.58 12.03
CA ILE A 116 15.14 6.06 12.57
C ILE A 116 15.30 4.55 12.72
N ASP A 117 16.55 4.12 12.83
CA ASP A 117 16.89 2.71 13.00
C ASP A 117 17.74 2.53 14.25
N GLY A 118 17.88 3.61 15.01
CA GLY A 118 18.63 3.61 16.25
C GLY A 118 20.06 3.08 16.29
N ARG A 119 20.93 3.53 15.38
CA ARG A 119 22.31 3.08 15.40
C ARG A 119 23.26 4.25 15.66
N GLY A 120 22.71 5.35 16.18
CA GLY A 120 23.52 6.52 16.47
C GLY A 120 23.40 7.61 15.41
N GLU A 121 24.28 8.60 15.47
CA GLU A 121 24.26 9.70 14.51
C GLU A 121 25.03 9.35 13.24
N ILE A 122 24.86 10.16 12.20
CA ILE A 122 25.55 9.96 10.93
C ILE A 122 26.66 10.99 10.73
N THR A 123 27.89 10.49 10.59
CA THR A 123 29.06 11.33 10.40
C THR A 123 29.02 12.06 9.06
N ALA A 124 28.62 13.32 9.09
CA ALA A 124 28.52 14.11 7.88
C ALA A 124 29.64 15.14 7.78
N SER A 125 30.26 15.22 6.61
CA SER A 125 31.34 16.16 6.36
C SER A 125 30.75 17.34 5.57
N GLU A 126 30.27 17.06 4.36
CA GLU A 126 29.67 18.09 3.53
C GLU A 126 28.14 18.02 3.62
N SER A 127 27.45 18.91 2.94
CA SER A 127 25.98 18.93 2.99
C SER A 127 25.40 19.62 1.77
N ARG A 128 24.54 18.91 1.03
CA ARG A 128 23.93 19.48 -0.17
C ARG A 128 22.45 19.81 0.00
N LEU A 129 21.93 20.69 -0.86
CA LEU A 129 20.53 21.12 -0.80
C LEU A 129 19.54 20.07 -1.22
N ILE A 130 18.35 20.14 -0.62
CA ILE A 130 17.26 19.24 -0.94
C ILE A 130 16.92 19.53 -2.39
N GLU A 131 16.72 20.82 -2.70
CA GLU A 131 16.43 21.23 -4.07
C GLU A 131 17.63 21.92 -4.75
N SER A 132 17.92 21.52 -5.99
CA SER A 132 19.02 22.09 -6.74
C SER A 132 18.89 21.80 -8.24
N PRO A 133 19.47 22.65 -9.10
CA PRO A 133 19.40 22.45 -10.56
C PRO A 133 19.93 21.11 -11.03
N ALA A 134 19.36 20.63 -12.13
CA ALA A 134 19.75 19.34 -12.72
C ALA A 134 20.71 19.50 -13.88
N PRO A 135 21.54 18.47 -14.13
CA PRO A 135 22.51 18.49 -15.23
C PRO A 135 21.93 19.00 -16.53
N GLY A 136 22.57 20.03 -17.09
CA GLY A 136 22.11 20.61 -18.33
C GLY A 136 22.15 19.69 -19.54
N ILE A 137 22.42 20.28 -20.70
CA ILE A 137 22.46 19.53 -21.94
C ILE A 137 23.88 19.13 -22.35
N MET A 138 24.86 19.95 -21.98
CA MET A 138 26.26 19.65 -22.30
C MET A 138 26.79 18.68 -21.27
N SER A 139 26.43 18.92 -20.01
CA SER A 139 26.89 18.09 -18.91
C SER A 139 26.34 16.68 -18.98
N ARG A 140 25.90 16.26 -20.17
CA ARG A 140 25.35 14.93 -20.33
C ARG A 140 25.84 14.18 -21.56
N ARG A 141 25.65 12.86 -21.53
CA ARG A 141 26.02 12.00 -22.64
C ARG A 141 25.01 10.86 -22.69
N SER A 142 24.71 10.41 -23.89
CA SER A 142 23.73 9.33 -24.09
C SER A 142 24.03 8.12 -23.19
N VAL A 143 23.05 7.25 -23.02
CA VAL A 143 23.23 6.09 -22.18
C VAL A 143 23.85 4.93 -22.95
N TYR A 144 25.04 4.51 -22.53
CA TYR A 144 25.73 3.39 -23.15
C TYR A 144 25.91 2.30 -22.09
N GLU A 145 26.30 2.70 -20.88
CA GLU A 145 26.54 1.78 -19.77
C GLU A 145 25.28 0.98 -19.41
N PRO A 146 25.41 -0.35 -19.29
CA PRO A 146 24.27 -1.21 -18.95
C PRO A 146 23.90 -1.14 -17.47
N LEU A 147 22.80 -1.79 -17.11
CA LEU A 147 22.33 -1.83 -15.72
C LEU A 147 21.55 -3.12 -15.54
N GLN A 148 22.23 -4.15 -15.03
CA GLN A 148 21.61 -5.45 -14.82
C GLN A 148 20.67 -5.44 -13.62
N THR A 149 19.45 -5.95 -13.82
CA THR A 149 18.46 -6.00 -12.75
C THR A 149 18.27 -7.39 -12.16
N GLY A 150 18.81 -8.40 -12.83
CA GLY A 150 18.67 -9.76 -12.34
C GLY A 150 17.40 -10.39 -12.87
N LEU A 151 16.69 -9.65 -13.72
CA LEU A 151 15.46 -10.12 -14.32
C LEU A 151 15.67 -10.42 -15.80
N ILE A 152 15.24 -11.60 -16.21
CA ILE A 152 15.38 -12.04 -17.59
C ILE A 152 14.43 -11.27 -18.51
N ALA A 153 13.27 -10.90 -17.97
CA ALA A 153 12.26 -10.17 -18.72
C ALA A 153 12.57 -8.69 -18.90
N ILE A 154 13.44 -8.15 -18.06
CA ILE A 154 13.79 -6.73 -18.14
C ILE A 154 15.07 -6.43 -18.95
N ASP A 155 16.21 -6.88 -18.42
CA ASP A 155 17.51 -6.64 -19.06
C ASP A 155 17.68 -7.38 -20.41
N ALA A 156 16.58 -7.80 -21.01
CA ALA A 156 16.63 -8.52 -22.28
C ALA A 156 15.63 -8.00 -23.31
N MET A 157 14.63 -7.24 -22.85
CA MET A 157 13.63 -6.69 -23.75
C MET A 157 13.23 -5.29 -23.29
N ILE A 158 13.63 -4.96 -22.07
CA ILE A 158 13.37 -3.65 -21.49
C ILE A 158 14.72 -3.22 -20.92
N PRO A 159 15.67 -2.86 -21.81
CA PRO A 159 17.00 -2.44 -21.36
C PRO A 159 17.06 -1.12 -20.59
N VAL A 160 17.57 -1.18 -19.37
CA VAL A 160 17.72 0.01 -18.54
C VAL A 160 19.21 0.28 -18.44
N GLY A 161 19.61 1.52 -18.72
CA GLY A 161 21.02 1.86 -18.64
C GLY A 161 21.26 2.90 -17.58
N ARG A 162 22.49 2.99 -17.09
CA ARG A 162 22.83 3.95 -16.06
C ARG A 162 22.63 5.38 -16.55
N GLY A 163 21.92 6.18 -15.75
CA GLY A 163 21.67 7.55 -16.11
C GLY A 163 20.27 7.75 -16.69
N GLN A 164 19.68 6.67 -17.18
CA GLN A 164 18.35 6.69 -17.76
C GLN A 164 17.25 6.62 -16.70
N ARG A 165 16.11 7.23 -16.99
CA ARG A 165 14.97 7.20 -16.07
C ARG A 165 14.02 6.11 -16.59
N GLU A 166 13.80 5.09 -15.77
CA GLU A 166 12.92 3.99 -16.16
C GLU A 166 11.81 3.87 -15.12
N LEU A 167 10.58 4.10 -15.56
CA LEU A 167 9.40 4.04 -14.71
C LEU A 167 8.78 2.65 -14.60
N ILE A 168 8.37 2.29 -13.38
CA ILE A 168 7.74 1.01 -13.11
C ILE A 168 6.27 1.31 -12.82
N ILE A 169 5.38 0.61 -13.51
CA ILE A 169 3.94 0.84 -13.36
C ILE A 169 3.12 -0.39 -12.99
N GLY A 170 2.01 -0.17 -12.26
CA GLY A 170 1.15 -1.26 -11.86
C GLY A 170 0.11 -0.89 -10.81
N ASP A 171 -0.97 -1.67 -10.73
CA ASP A 171 -2.03 -1.43 -9.74
C ASP A 171 -1.52 -1.90 -8.38
N ARG A 172 -2.42 -2.05 -7.41
CA ARG A 172 -1.98 -2.51 -6.11
C ARG A 172 -1.53 -3.95 -6.21
N GLN A 173 -0.59 -4.34 -5.36
CA GLN A 173 -0.06 -5.70 -5.36
C GLN A 173 0.20 -6.17 -6.78
N THR A 174 1.13 -5.51 -7.47
CA THR A 174 1.44 -5.86 -8.84
C THR A 174 2.94 -6.13 -9.00
N GLY A 175 3.54 -6.71 -7.97
CA GLY A 175 4.95 -7.06 -7.99
C GLY A 175 5.94 -5.96 -8.33
N LYS A 176 5.52 -4.72 -8.17
CA LYS A 176 6.36 -3.56 -8.48
C LYS A 176 7.52 -3.52 -7.47
N THR A 177 7.18 -3.37 -6.19
CA THR A 177 8.20 -3.31 -5.16
C THR A 177 9.18 -4.47 -5.28
N ALA A 178 8.70 -5.63 -5.75
CA ALA A 178 9.56 -6.80 -5.92
C ALA A 178 10.58 -6.51 -7.01
N VAL A 179 10.11 -5.89 -8.09
CA VAL A 179 10.98 -5.52 -9.20
C VAL A 179 12.14 -4.71 -8.65
N ALA A 180 11.83 -3.76 -7.79
CA ALA A 180 12.84 -2.92 -7.17
C ALA A 180 13.67 -3.73 -6.19
N THR A 181 13.01 -4.57 -5.41
CA THR A 181 13.69 -5.41 -4.42
C THR A 181 14.81 -6.21 -5.08
N ASP A 182 14.46 -7.07 -6.03
CA ASP A 182 15.46 -7.86 -6.72
C ASP A 182 16.56 -6.95 -7.27
N THR A 183 16.17 -6.06 -8.17
CA THR A 183 17.08 -5.11 -8.82
C THR A 183 18.25 -4.61 -7.98
N ILE A 184 17.96 -3.97 -6.85
CA ILE A 184 19.03 -3.46 -5.99
C ILE A 184 19.88 -4.59 -5.44
N LEU A 185 19.24 -5.70 -5.08
CA LEU A 185 19.96 -6.86 -4.56
C LEU A 185 20.95 -7.35 -5.62
N ASN A 186 20.45 -7.48 -6.84
CA ASN A 186 21.22 -7.95 -7.97
C ASN A 186 22.44 -7.10 -8.30
N GLN A 187 22.81 -6.19 -7.42
CA GLN A 187 23.94 -5.34 -7.70
C GLN A 187 25.27 -5.71 -7.04
N GLN A 188 26.19 -6.17 -7.88
CA GLN A 188 27.51 -6.58 -7.45
C GLN A 188 28.17 -5.47 -6.63
N GLY A 189 29.04 -5.86 -5.72
CA GLY A 189 29.72 -4.87 -4.89
C GLY A 189 30.57 -3.89 -5.68
N GLN A 190 30.67 -2.67 -5.18
CA GLN A 190 31.46 -1.61 -5.81
C GLN A 190 30.95 -1.20 -7.19
N ASN A 191 29.81 -1.74 -7.60
CA ASN A 191 29.24 -1.42 -8.91
C ASN A 191 28.28 -0.25 -8.93
N VAL A 192 27.27 -0.28 -8.05
CA VAL A 192 26.30 0.80 -8.01
C VAL A 192 25.83 1.07 -6.58
N ILE A 193 25.65 2.33 -6.24
CA ILE A 193 25.13 2.70 -4.93
C ILE A 193 23.64 2.91 -5.12
N CYS A 194 22.84 2.37 -4.20
CA CYS A 194 21.40 2.50 -4.31
C CYS A 194 20.72 3.31 -3.22
N VAL A 195 19.60 3.92 -3.57
CA VAL A 195 18.83 4.71 -2.64
C VAL A 195 17.38 4.29 -2.77
N TYR A 196 16.83 3.71 -1.71
CA TYR A 196 15.43 3.26 -1.67
C TYR A 196 14.59 4.32 -0.96
N VAL A 197 13.70 4.98 -1.69
CA VAL A 197 12.87 6.02 -1.10
C VAL A 197 11.42 5.60 -1.02
N ALA A 198 10.93 5.32 0.19
CA ALA A 198 9.54 4.94 0.37
C ALA A 198 8.69 6.14 0.77
N ILE A 199 7.66 6.44 -0.02
CA ILE A 199 6.80 7.58 0.29
C ILE A 199 5.33 7.17 0.43
N GLY A 200 4.86 7.06 1.68
CA GLY A 200 3.48 6.68 1.89
C GLY A 200 3.34 5.21 2.21
N GLN A 201 4.46 4.50 2.20
CA GLN A 201 4.43 3.08 2.51
C GLN A 201 4.29 2.87 4.01
N LYS A 202 3.98 1.65 4.43
CA LYS A 202 3.82 1.36 5.84
C LYS A 202 5.12 1.07 6.56
N ALA A 203 5.20 1.54 7.80
CA ALA A 203 6.41 1.33 8.59
C ALA A 203 6.77 -0.14 8.57
N SER A 204 5.77 -0.99 8.79
CA SER A 204 5.96 -2.43 8.80
C SER A 204 6.47 -2.96 7.47
N SER A 205 5.78 -2.63 6.38
CA SER A 205 6.17 -3.10 5.06
C SER A 205 7.61 -2.70 4.73
N VAL A 206 8.01 -1.51 5.15
CA VAL A 206 9.37 -1.06 4.87
C VAL A 206 10.35 -1.90 5.71
N ALA A 207 9.87 -2.42 6.82
CA ALA A 207 10.70 -3.26 7.68
C ALA A 207 10.94 -4.58 6.98
N GLN A 208 9.85 -5.18 6.48
CA GLN A 208 9.93 -6.45 5.77
C GLN A 208 10.91 -6.36 4.62
N VAL A 209 11.08 -5.14 4.11
CA VAL A 209 11.98 -4.90 2.99
C VAL A 209 13.37 -4.61 3.54
N VAL A 210 13.47 -3.59 4.39
CA VAL A 210 14.75 -3.24 5.00
C VAL A 210 15.43 -4.48 5.58
N THR A 211 14.65 -5.53 5.84
CA THR A 211 15.18 -6.77 6.39
C THR A 211 15.72 -7.67 5.28
N ASN A 212 14.87 -7.96 4.28
CA ASN A 212 15.27 -8.82 3.17
C ASN A 212 16.42 -8.31 2.31
N PHE A 213 16.99 -7.16 2.67
CA PHE A 213 18.12 -6.63 1.92
C PHE A 213 19.34 -6.93 2.76
N GLN A 214 19.15 -6.95 4.07
CA GLN A 214 20.24 -7.22 5.00
C GLN A 214 20.74 -8.67 4.89
N GLU A 215 19.81 -9.61 5.01
CA GLU A 215 20.15 -11.04 4.94
C GLU A 215 20.87 -11.45 3.66
N ARG A 216 20.93 -10.53 2.70
CA ARG A 216 21.62 -10.81 1.44
C ARG A 216 22.73 -9.78 1.22
N GLY A 217 23.12 -9.14 2.33
CA GLY A 217 24.18 -8.15 2.34
C GLY A 217 24.07 -7.01 1.33
N ALA A 218 22.86 -6.70 0.88
CA ALA A 218 22.66 -5.63 -0.09
C ALA A 218 22.56 -4.26 0.56
N MET A 219 22.34 -4.22 1.86
CA MET A 219 22.20 -2.94 2.56
C MET A 219 23.52 -2.27 2.94
N GLU A 220 24.63 -2.81 2.45
CA GLU A 220 25.93 -2.21 2.74
C GLU A 220 26.21 -1.11 1.73
N TYR A 221 25.22 -0.86 0.87
CA TYR A 221 25.34 0.17 -0.15
C TYR A 221 24.02 0.83 -0.48
N THR A 222 22.99 0.58 0.32
CA THR A 222 21.69 1.17 0.04
C THR A 222 21.15 1.98 1.21
N ILE A 223 20.62 3.16 0.90
CA ILE A 223 20.03 4.03 1.92
C ILE A 223 18.52 3.89 1.85
N VAL A 224 17.85 4.07 2.99
CA VAL A 224 16.41 3.98 3.05
C VAL A 224 15.80 5.30 3.53
N VAL A 225 15.49 6.17 2.58
CA VAL A 225 14.84 7.44 2.91
C VAL A 225 13.38 7.05 2.84
N ALA A 226 12.72 6.97 3.98
CA ALA A 226 11.32 6.59 3.99
C ALA A 226 10.50 7.41 4.96
N GLU A 227 9.28 7.73 4.54
CA GLU A 227 8.36 8.51 5.35
C GLU A 227 6.96 7.90 5.34
N THR A 228 6.68 7.14 6.39
CA THR A 228 5.40 6.44 6.56
C THR A 228 4.17 7.32 6.39
N ALA A 229 3.02 6.66 6.28
CA ALA A 229 1.76 7.34 6.12
C ALA A 229 1.46 8.24 7.33
N ASP A 230 1.97 7.87 8.49
CA ASP A 230 1.76 8.63 9.70
C ASP A 230 2.53 9.95 9.75
N SER A 231 3.65 10.04 9.04
CA SER A 231 4.46 11.25 9.03
C SER A 231 3.65 12.39 8.48
N PRO A 232 3.96 13.62 8.90
CA PRO A 232 3.22 14.79 8.39
C PRO A 232 3.48 14.94 6.89
N ALA A 233 2.51 15.50 6.18
CA ALA A 233 2.60 15.70 4.73
C ALA A 233 3.86 16.42 4.26
N THR A 234 4.15 17.56 4.86
CA THR A 234 5.31 18.36 4.49
C THR A 234 6.68 17.66 4.47
N LEU A 235 6.68 16.34 4.49
CA LEU A 235 7.92 15.56 4.43
C LEU A 235 7.80 14.60 3.27
N GLN A 236 6.60 14.04 3.12
CA GLN A 236 6.32 13.12 2.03
C GLN A 236 6.51 13.77 0.65
N TYR A 237 6.97 15.03 0.62
CA TYR A 237 7.27 15.70 -0.65
C TYR A 237 8.77 15.56 -0.74
N LEU A 238 9.45 16.02 0.31
CA LEU A 238 10.90 15.99 0.40
C LEU A 238 11.53 14.60 0.45
N ALA A 239 10.73 13.57 0.69
CA ALA A 239 11.27 12.22 0.74
C ALA A 239 12.06 11.96 -0.53
N PRO A 240 11.39 11.99 -1.70
CA PRO A 240 12.17 11.73 -2.91
C PRO A 240 13.29 12.75 -3.13
N TYR A 241 13.00 14.01 -2.82
CA TYR A 241 14.01 15.06 -2.98
C TYR A 241 15.23 14.70 -2.12
N THR A 242 14.97 14.20 -0.91
CA THR A 242 16.06 13.81 -0.01
C THR A 242 16.90 12.73 -0.67
N GLY A 243 16.25 11.61 -0.97
CA GLY A 243 16.93 10.50 -1.59
C GLY A 243 17.58 10.90 -2.88
N ALA A 244 17.14 12.01 -3.47
CA ALA A 244 17.72 12.49 -4.70
C ALA A 244 19.10 13.03 -4.39
N ALA A 245 19.14 14.04 -3.52
CA ALA A 245 20.39 14.67 -3.11
C ALA A 245 21.44 13.63 -2.73
N LEU A 246 21.20 12.88 -1.65
CA LEU A 246 22.13 11.85 -1.20
C LEU A 246 22.66 10.99 -2.34
N ALA A 247 21.87 10.85 -3.40
CA ALA A 247 22.29 10.06 -4.53
C ALA A 247 23.18 10.92 -5.43
N GLU A 248 22.87 12.21 -5.54
CA GLU A 248 23.66 13.11 -6.38
C GLU A 248 25.10 13.18 -5.89
N TYR A 249 25.30 12.93 -4.61
CA TYR A 249 26.64 12.95 -4.01
C TYR A 249 27.54 11.99 -4.78
N PHE A 250 27.05 10.80 -5.06
CA PHE A 250 27.81 9.80 -5.79
C PHE A 250 27.94 10.14 -7.28
N MET A 251 26.92 10.78 -7.85
CA MET A 251 26.98 11.15 -9.26
C MET A 251 28.23 11.96 -9.52
N TYR A 252 28.22 13.20 -9.05
CA TYR A 252 29.35 14.11 -9.26
C TYR A 252 30.70 13.51 -8.90
N ARG A 253 30.69 12.52 -8.02
CA ARG A 253 31.91 11.86 -7.59
C ARG A 253 32.25 10.63 -8.43
N GLU A 254 31.98 10.73 -9.72
CA GLU A 254 32.28 9.66 -10.67
C GLU A 254 31.70 8.29 -10.28
N ARG A 255 30.73 8.27 -9.37
CA ARG A 255 30.07 7.03 -8.96
C ARG A 255 28.66 6.94 -9.52
N HIS A 256 28.17 5.72 -9.71
CA HIS A 256 26.83 5.52 -10.26
C HIS A 256 25.79 5.18 -9.20
N THR A 257 24.57 5.65 -9.40
CA THR A 257 23.48 5.43 -8.44
C THR A 257 22.21 4.89 -9.10
N LEU A 258 21.36 4.30 -8.27
CA LEU A 258 20.08 3.77 -8.71
C LEU A 258 19.07 4.14 -7.64
N ILE A 259 18.09 4.94 -8.01
CA ILE A 259 17.08 5.37 -7.06
C ILE A 259 15.69 4.87 -7.46
N ILE A 260 14.99 4.31 -6.47
CA ILE A 260 13.64 3.82 -6.64
C ILE A 260 12.76 4.67 -5.73
N TYR A 261 11.85 5.45 -6.31
CA TYR A 261 10.97 6.25 -5.47
C TYR A 261 9.64 5.51 -5.40
N ASP A 262 9.40 4.80 -4.31
CA ASP A 262 8.16 4.02 -4.13
C ASP A 262 6.89 4.87 -4.20
N ASP A 263 6.16 4.74 -5.31
CA ASP A 263 4.93 5.49 -5.53
C ASP A 263 5.19 6.99 -5.55
N LEU A 264 5.23 7.57 -6.75
CA LEU A 264 5.41 9.02 -6.85
C LEU A 264 3.98 9.51 -6.71
N SER A 265 3.05 8.59 -6.98
CA SER A 265 1.62 8.83 -6.89
C SER A 265 1.35 9.34 -5.49
N LYS A 266 1.89 8.63 -4.51
CA LYS A 266 1.72 9.02 -3.12
C LYS A 266 2.31 10.39 -2.82
N GLN A 267 3.41 10.75 -3.49
CA GLN A 267 4.01 12.04 -3.24
C GLN A 267 3.16 13.12 -3.90
N ALA A 268 2.59 12.79 -5.06
CA ALA A 268 1.74 13.73 -5.78
C ALA A 268 0.53 14.05 -4.89
N GLN A 269 -0.02 13.02 -4.28
CA GLN A 269 -1.16 13.18 -3.40
C GLN A 269 -0.73 14.14 -2.29
N ALA A 270 0.41 13.85 -1.68
CA ALA A 270 0.93 14.68 -0.61
C ALA A 270 1.04 16.15 -1.03
N TYR A 271 1.41 16.38 -2.28
CA TYR A 271 1.57 17.75 -2.78
C TYR A 271 0.25 18.52 -2.84
N ARG A 272 -0.81 17.82 -3.24
CA ARG A 272 -2.13 18.40 -3.33
C ARG A 272 -2.48 19.01 -1.97
N GLN A 273 -2.23 18.23 -0.91
CA GLN A 273 -2.52 18.66 0.45
C GLN A 273 -1.89 19.97 0.92
N MET A 274 -0.71 20.31 0.41
CA MET A 274 -0.06 21.54 0.83
C MET A 274 -0.65 22.78 0.15
N SER A 275 -0.89 22.69 -1.15
CA SER A 275 -1.48 23.79 -1.90
C SER A 275 -2.86 24.14 -1.34
N LEU A 276 -3.70 23.13 -1.20
CA LEU A 276 -5.03 23.32 -0.64
C LEU A 276 -4.91 24.01 0.72
N LEU A 277 -4.22 23.34 1.64
CA LEU A 277 -4.00 23.89 2.97
C LEU A 277 -3.29 25.26 2.90
N LEU A 278 -2.69 25.57 1.76
CA LEU A 278 -2.02 26.85 1.60
C LEU A 278 -2.92 27.76 0.77
N ARG A 279 -4.15 27.31 0.54
CA ARG A 279 -5.16 28.05 -0.23
C ARG A 279 -4.69 28.50 -1.60
N ARG A 280 -4.28 27.53 -2.42
CA ARG A 280 -3.81 27.78 -3.77
C ARG A 280 -4.72 27.09 -4.79
N PRO A 281 -5.10 27.81 -5.85
CA PRO A 281 -5.98 27.33 -6.93
C PRO A 281 -5.70 25.94 -7.50
N PRO A 282 -6.64 25.00 -7.31
CA PRO A 282 -6.49 23.64 -7.81
C PRO A 282 -7.02 23.50 -9.24
N GLY A 283 -7.03 22.26 -9.74
CA GLY A 283 -7.52 21.96 -11.07
C GLY A 283 -7.87 20.49 -11.20
N ARG A 284 -7.50 19.85 -12.31
CA ARG A 284 -7.80 18.42 -12.52
C ARG A 284 -7.53 17.57 -11.27
N GLU A 285 -8.54 16.82 -10.85
CA GLU A 285 -8.42 15.97 -9.68
C GLU A 285 -7.83 16.72 -8.49
N ALA A 286 -8.18 18.00 -8.37
CA ALA A 286 -7.73 18.84 -7.28
C ALA A 286 -6.23 19.09 -7.28
N TYR A 287 -5.47 18.36 -8.08
CA TYR A 287 -4.02 18.58 -8.12
C TYR A 287 -3.77 20.03 -8.55
N PRO A 288 -2.90 20.74 -7.81
CA PRO A 288 -2.57 22.14 -8.10
C PRO A 288 -1.98 22.42 -9.47
N GLY A 289 -1.34 23.58 -9.60
CA GLY A 289 -0.75 23.97 -10.87
C GLY A 289 0.72 23.62 -11.07
N ASP A 290 1.25 22.74 -10.23
CA ASP A 290 2.64 22.35 -10.34
C ASP A 290 2.88 20.88 -10.03
N VAL A 291 1.98 20.02 -10.50
CA VAL A 291 2.10 18.57 -10.27
C VAL A 291 3.04 17.93 -11.29
N PHE A 292 3.50 18.75 -12.23
CA PHE A 292 4.39 18.29 -13.28
C PHE A 292 5.83 18.70 -12.96
N TYR A 293 5.99 19.65 -12.04
CA TYR A 293 7.31 20.11 -11.66
C TYR A 293 7.77 19.52 -10.34
N LEU A 294 7.10 18.44 -9.93
CA LEU A 294 7.42 17.72 -8.71
C LEU A 294 8.28 16.58 -9.20
N HIS A 295 7.89 16.06 -10.37
CA HIS A 295 8.59 14.95 -10.98
C HIS A 295 9.57 15.41 -12.06
N SER A 296 9.25 16.51 -12.76
CA SER A 296 10.15 16.98 -13.80
C SER A 296 11.35 17.65 -13.14
N ARG A 297 11.19 18.06 -11.89
CA ARG A 297 12.31 18.67 -11.16
C ARG A 297 12.76 17.65 -10.13
N LEU A 298 12.75 16.40 -10.54
CA LEU A 298 13.15 15.29 -9.69
C LEU A 298 13.78 14.23 -10.57
N LEU A 299 12.99 13.74 -11.52
CA LEU A 299 13.47 12.71 -12.44
C LEU A 299 14.52 13.26 -13.42
N GLU A 300 14.55 14.58 -13.58
CA GLU A 300 15.51 15.22 -14.46
C GLU A 300 16.84 15.43 -13.74
N ARG A 301 16.86 15.15 -12.44
CA ARG A 301 18.08 15.29 -11.65
C ARG A 301 18.86 13.99 -11.81
N ALA A 302 18.32 13.11 -12.65
CA ALA A 302 18.94 11.83 -12.92
C ALA A 302 19.45 11.87 -14.35
N ALA A 303 20.69 11.43 -14.56
CA ALA A 303 21.27 11.43 -15.89
C ALA A 303 22.63 10.75 -15.94
N LYS A 304 23.29 10.91 -17.07
CA LYS A 304 24.62 10.36 -17.30
C LYS A 304 25.52 11.52 -17.66
N LEU A 305 26.19 12.08 -16.64
CA LEU A 305 27.08 13.21 -16.86
C LEU A 305 28.19 12.84 -17.82
N SER A 306 28.66 13.82 -18.59
CA SER A 306 29.73 13.61 -19.55
C SER A 306 31.06 13.37 -18.82
N SER A 307 31.99 12.70 -19.49
CA SER A 307 33.28 12.39 -18.90
C SER A 307 34.03 13.62 -18.40
N LEU A 308 33.53 14.79 -18.75
CA LEU A 308 34.17 16.04 -18.35
C LEU A 308 33.59 16.54 -17.04
N LEU A 309 32.93 15.63 -16.32
CA LEU A 309 32.34 15.91 -15.02
C LEU A 309 32.56 14.72 -14.10
N GLY A 310 33.07 13.63 -14.68
CA GLY A 310 33.36 12.42 -13.91
C GLY A 310 32.73 11.12 -14.38
N GLU A 311 31.98 11.15 -15.48
CA GLU A 311 31.33 9.95 -15.99
C GLU A 311 30.28 9.42 -15.01
N GLY A 312 30.12 10.09 -13.87
CA GLY A 312 29.15 9.64 -12.88
C GLY A 312 27.73 9.60 -13.43
N SER A 313 26.87 8.79 -12.81
CA SER A 313 25.49 8.67 -13.26
C SER A 313 24.53 8.30 -12.14
N MET A 314 23.25 8.18 -12.47
CA MET A 314 22.20 7.83 -11.53
C MET A 314 20.97 7.37 -12.31
N THR A 315 20.44 6.19 -11.96
CA THR A 315 19.28 5.64 -12.64
C THR A 315 18.05 5.62 -11.73
N ALA A 316 16.97 6.23 -12.18
CA ALA A 316 15.75 6.29 -11.38
C ALA A 316 14.66 5.36 -11.86
N LEU A 317 14.21 4.48 -10.96
CA LEU A 317 13.14 3.54 -11.27
C LEU A 317 11.97 3.95 -10.38
N PRO A 318 11.23 5.00 -10.78
CA PRO A 318 10.09 5.48 -9.98
C PRO A 318 8.89 4.55 -10.09
N ILE A 319 8.11 4.49 -9.02
CA ILE A 319 6.92 3.65 -8.99
C ILE A 319 5.67 4.51 -8.98
N VAL A 320 4.68 4.13 -9.78
CA VAL A 320 3.43 4.87 -9.86
C VAL A 320 2.26 3.90 -9.93
N GLU A 321 1.49 3.80 -8.84
CA GLU A 321 0.34 2.90 -8.78
C GLU A 321 -0.85 3.37 -9.63
N THR A 322 -1.32 2.48 -10.51
CA THR A 322 -2.46 2.80 -11.37
C THR A 322 -3.75 2.40 -10.68
N GLN A 323 -4.88 2.82 -11.24
CA GLN A 323 -6.19 2.50 -10.69
C GLN A 323 -7.04 1.78 -11.74
N ALA A 324 -7.08 0.46 -11.64
CA ALA A 324 -7.84 -0.36 -12.57
C ALA A 324 -7.26 -0.27 -13.98
N GLY A 325 -5.95 -0.40 -14.07
CA GLY A 325 -5.29 -0.34 -15.37
C GLY A 325 -5.52 0.94 -16.14
N ASP A 326 -5.88 2.01 -15.44
CA ASP A 326 -6.13 3.32 -16.07
C ASP A 326 -4.83 4.13 -16.18
N VAL A 327 -4.06 3.80 -17.22
CA VAL A 327 -2.78 4.42 -17.50
C VAL A 327 -2.89 5.88 -17.94
N SER A 328 -4.07 6.30 -18.34
CA SER A 328 -4.26 7.67 -18.80
C SER A 328 -4.61 8.65 -17.68
N ALA A 329 -4.64 8.16 -16.45
CA ALA A 329 -4.94 9.04 -15.33
C ALA A 329 -3.86 10.13 -15.26
N TYR A 330 -4.23 11.32 -14.82
CA TYR A 330 -3.32 12.46 -14.73
C TYR A 330 -1.88 12.16 -14.28
N ILE A 331 -1.66 11.88 -13.00
CA ILE A 331 -0.31 11.61 -12.53
C ILE A 331 0.38 10.52 -13.34
N PRO A 332 -0.32 9.41 -13.62
CA PRO A 332 0.35 8.37 -14.41
C PRO A 332 0.70 8.87 -15.81
N THR A 333 -0.12 9.80 -16.28
CA THR A 333 0.05 10.39 -17.59
C THR A 333 1.30 11.27 -17.67
N ASN A 334 1.48 12.12 -16.67
CA ASN A 334 2.63 13.01 -16.64
C ASN A 334 3.94 12.24 -16.54
N VAL A 335 4.07 11.44 -15.49
CA VAL A 335 5.28 10.65 -15.24
C VAL A 335 5.78 9.94 -16.51
N ILE A 336 4.89 9.24 -17.19
CA ILE A 336 5.24 8.50 -18.40
C ILE A 336 5.82 9.41 -19.49
N SER A 337 5.45 10.69 -19.47
CA SER A 337 5.96 11.62 -20.47
C SER A 337 7.16 12.37 -19.92
N ILE A 338 7.85 11.74 -18.96
CA ILE A 338 9.03 12.31 -18.33
C ILE A 338 10.11 11.23 -18.33
N THR A 339 9.67 9.98 -18.37
CA THR A 339 10.56 8.81 -18.35
C THR A 339 10.97 8.35 -19.74
N ASP A 340 12.04 7.56 -19.81
CA ASP A 340 12.55 7.04 -21.07
C ASP A 340 12.22 5.57 -21.29
N GLY A 341 11.02 5.17 -20.89
CA GLY A 341 10.61 3.78 -21.05
C GLY A 341 9.77 3.28 -19.89
N GLN A 342 8.97 2.25 -20.14
CA GLN A 342 8.10 1.69 -19.11
C GLN A 342 8.18 0.18 -19.01
N ILE A 343 7.69 -0.33 -17.89
CA ILE A 343 7.69 -1.76 -17.64
C ILE A 343 6.34 -2.09 -17.02
N PHE A 344 5.27 -1.77 -17.74
CA PHE A 344 3.91 -2.02 -17.25
C PHE A 344 3.79 -3.45 -16.73
N LEU A 345 3.13 -3.60 -15.59
CA LEU A 345 2.91 -4.92 -15.00
C LEU A 345 1.38 -5.07 -15.06
N SER A 346 0.88 -6.31 -15.06
CA SER A 346 -0.56 -6.50 -15.18
C SER A 346 -1.27 -7.23 -14.05
N ALA A 347 -2.46 -6.74 -13.71
CA ALA A 347 -3.28 -7.31 -12.64
C ALA A 347 -3.95 -8.60 -13.11
N ASP A 348 -4.23 -8.67 -14.41
CA ASP A 348 -4.88 -9.84 -15.01
C ASP A 348 -3.91 -10.98 -15.31
N LEU A 349 -2.67 -10.63 -15.66
CA LEU A 349 -1.66 -11.64 -16.01
C LEU A 349 -0.76 -12.17 -14.89
N PHE A 350 -1.23 -12.13 -13.65
CA PHE A 350 -0.44 -12.63 -12.53
C PHE A 350 -0.58 -14.15 -12.45
N ASN A 351 -1.63 -14.51 -11.73
CA ASN A 351 -2.02 -15.89 -11.45
C ASN A 351 -1.91 -16.83 -12.64
N ALA A 352 -2.01 -16.27 -13.85
CA ALA A 352 -1.90 -17.07 -15.06
C ALA A 352 -0.48 -17.59 -15.25
N GLY A 353 0.25 -17.73 -14.14
CA GLY A 353 1.61 -18.22 -14.21
C GLY A 353 2.68 -17.16 -14.38
N ILE A 354 2.33 -16.04 -15.01
CA ILE A 354 3.30 -14.97 -15.23
C ILE A 354 3.67 -14.32 -13.90
N ARG A 355 4.73 -14.83 -13.26
CA ARG A 355 5.21 -14.31 -11.98
C ARG A 355 6.75 -14.22 -12.04
N PRO A 356 7.30 -13.00 -12.11
CA PRO A 356 6.67 -11.66 -12.16
C PRO A 356 5.90 -11.41 -13.46
N ALA A 357 4.91 -10.52 -13.40
CA ALA A 357 4.11 -10.21 -14.57
C ALA A 357 4.60 -8.96 -15.29
N ILE A 358 5.26 -9.16 -16.43
CA ILE A 358 5.77 -8.05 -17.22
C ILE A 358 5.03 -7.93 -18.54
N ASN A 359 4.29 -6.83 -18.71
CA ASN A 359 3.57 -6.63 -19.97
C ASN A 359 4.59 -6.18 -21.01
N VAL A 360 5.47 -7.11 -21.36
CA VAL A 360 6.53 -6.85 -22.34
C VAL A 360 5.95 -6.35 -23.65
N GLY A 361 4.62 -6.46 -23.77
CA GLY A 361 3.96 -6.00 -24.98
C GLY A 361 3.90 -4.49 -25.04
N ILE A 362 3.61 -3.86 -23.90
CA ILE A 362 3.53 -2.40 -23.83
C ILE A 362 4.75 -1.81 -23.14
N SER A 363 5.56 -2.67 -22.54
CA SER A 363 6.78 -2.24 -21.85
C SER A 363 7.82 -1.82 -22.88
N VAL A 364 8.36 -0.61 -22.73
CA VAL A 364 9.33 -0.08 -23.68
C VAL A 364 10.68 0.27 -23.04
N SER A 365 11.53 0.92 -23.82
CA SER A 365 12.86 1.35 -23.38
C SER A 365 13.43 2.29 -24.44
N ARG A 366 13.29 3.59 -24.21
CA ARG A 366 13.77 4.61 -25.16
C ARG A 366 15.27 4.56 -25.48
N VAL A 367 16.09 4.28 -24.47
CA VAL A 367 17.53 4.20 -24.68
C VAL A 367 17.83 3.18 -25.75
N GLY A 368 16.95 2.19 -25.87
CA GLY A 368 17.14 1.15 -26.86
C GLY A 368 18.10 0.08 -26.38
N SER A 369 18.44 -0.86 -27.26
CA SER A 369 19.36 -1.93 -26.89
C SER A 369 20.71 -1.34 -26.47
N ALA A 370 20.89 -0.06 -26.76
CA ALA A 370 22.13 0.64 -26.43
C ALA A 370 22.57 0.45 -24.97
N ALA A 371 21.65 0.00 -24.13
CA ALA A 371 21.96 -0.21 -22.72
C ALA A 371 22.22 -1.69 -22.44
N GLN A 372 22.72 -2.40 -23.45
CA GLN A 372 23.00 -3.83 -23.31
C GLN A 372 24.37 -4.17 -23.89
N ILE A 373 24.93 -5.30 -23.48
CA ILE A 373 26.21 -5.75 -23.99
C ILE A 373 25.94 -6.39 -25.36
N LYS A 374 26.86 -7.20 -25.88
CA LYS A 374 26.66 -7.84 -27.18
C LYS A 374 26.06 -9.23 -27.01
N ALA A 375 26.53 -9.96 -26.00
CA ALA A 375 26.04 -11.30 -25.72
C ALA A 375 24.53 -11.31 -25.57
N MET A 376 23.99 -10.35 -24.82
CA MET A 376 22.56 -10.25 -24.61
C MET A 376 21.84 -9.96 -25.93
N LYS A 377 22.30 -8.95 -26.65
CA LYS A 377 21.70 -8.57 -27.92
C LYS A 377 21.55 -9.76 -28.88
N LYS A 378 22.63 -10.52 -29.02
CA LYS A 378 22.63 -11.68 -29.91
C LYS A 378 21.51 -12.66 -29.62
N VAL A 379 21.01 -12.65 -28.40
CA VAL A 379 19.92 -13.54 -28.00
C VAL A 379 18.66 -12.73 -27.78
N ALA A 380 18.73 -11.80 -26.83
CA ALA A 380 17.62 -10.94 -26.47
C ALA A 380 16.99 -10.29 -27.69
N GLY A 381 17.82 -9.71 -28.56
CA GLY A 381 17.31 -9.07 -29.76
C GLY A 381 16.49 -10.05 -30.57
N LYS A 382 17.03 -11.26 -30.73
CA LYS A 382 16.34 -12.31 -31.47
C LYS A 382 15.09 -12.70 -30.69
N LEU A 383 15.18 -12.60 -29.37
CA LEU A 383 14.07 -12.93 -28.49
C LEU A 383 13.00 -11.85 -28.59
N LYS A 384 13.42 -10.65 -28.99
CA LYS A 384 12.52 -9.53 -29.16
C LYS A 384 11.63 -9.82 -30.37
N LEU A 385 12.28 -10.23 -31.46
CA LEU A 385 11.59 -10.54 -32.70
C LEU A 385 10.60 -11.70 -32.53
N GLU A 386 10.99 -12.69 -31.73
CA GLU A 386 10.14 -13.85 -31.47
C GLU A 386 8.92 -13.49 -30.65
N LEU A 387 9.16 -13.05 -29.41
CA LEU A 387 8.07 -12.68 -28.51
C LEU A 387 7.27 -11.47 -28.96
N ALA A 388 7.54 -10.98 -30.17
CA ALA A 388 6.82 -9.84 -30.71
C ALA A 388 5.88 -10.38 -31.78
N GLN A 389 6.27 -11.50 -32.38
CA GLN A 389 5.47 -12.15 -33.42
C GLN A 389 4.33 -12.92 -32.76
N PHE A 390 4.67 -13.69 -31.73
CA PHE A 390 3.68 -14.48 -31.00
C PHE A 390 2.56 -13.58 -30.52
N ALA A 391 2.89 -12.32 -30.23
CA ALA A 391 1.93 -11.34 -29.76
C ALA A 391 0.80 -11.09 -30.76
N GLU A 392 1.08 -11.29 -32.04
CA GLU A 392 0.09 -11.08 -33.07
C GLU A 392 -0.84 -12.27 -33.25
N LEU A 393 -0.40 -13.45 -32.82
CA LEU A 393 -1.18 -14.67 -32.97
C LEU A 393 -1.69 -15.28 -31.65
N GLU A 394 -1.12 -14.82 -30.53
CA GLU A 394 -1.48 -15.31 -29.20
C GLU A 394 -2.94 -15.67 -28.91
N ALA A 395 -3.88 -14.84 -29.35
CA ALA A 395 -5.29 -15.12 -29.11
C ALA A 395 -5.82 -16.29 -29.92
N PHE A 396 -5.10 -16.64 -30.98
CA PHE A 396 -5.49 -17.73 -31.87
C PHE A 396 -5.40 -19.12 -31.21
N ALA A 397 -4.29 -19.39 -30.55
CA ALA A 397 -4.03 -20.68 -29.88
C ALA A 397 -5.23 -21.35 -29.21
N GLN A 398 -5.97 -20.61 -28.39
CA GLN A 398 -7.12 -21.17 -27.69
C GLN A 398 -8.28 -21.48 -28.62
N PHE A 399 -8.23 -20.94 -29.83
CA PHE A 399 -9.26 -21.17 -30.83
C PHE A 399 -8.57 -21.62 -32.13
N ALA A 400 -7.47 -22.33 -32.00
CA ALA A 400 -6.72 -22.83 -33.16
C ALA A 400 -7.21 -24.21 -33.57
N SER A 401 -8.38 -24.26 -34.19
CA SER A 401 -8.97 -25.51 -34.63
C SER A 401 -8.18 -26.18 -35.75
N ASP A 402 -7.46 -25.38 -36.54
CA ASP A 402 -6.68 -25.92 -37.64
C ASP A 402 -5.77 -24.85 -38.24
N LEU A 403 -4.66 -24.57 -37.58
CA LEU A 403 -3.72 -23.57 -38.07
C LEU A 403 -2.55 -24.22 -38.80
N ASP A 404 -1.78 -23.41 -39.51
CA ASP A 404 -0.63 -23.90 -40.26
C ASP A 404 0.59 -23.96 -39.36
N LYS A 405 1.51 -24.87 -39.66
CA LYS A 405 2.73 -25.04 -38.87
C LYS A 405 3.59 -23.78 -38.84
N ALA A 406 3.58 -23.03 -39.93
CA ALA A 406 4.36 -21.79 -40.00
C ALA A 406 3.87 -20.84 -38.92
N THR A 407 2.70 -21.15 -38.37
CA THR A 407 2.09 -20.37 -37.32
C THR A 407 2.14 -21.19 -36.02
N GLN A 408 2.08 -22.51 -36.17
CA GLN A 408 2.15 -23.41 -35.01
C GLN A 408 3.50 -23.31 -34.33
N ASN A 409 4.56 -23.16 -35.12
CA ASN A 409 5.92 -23.04 -34.58
C ASN A 409 5.97 -21.87 -33.62
N GLN A 410 5.17 -20.84 -33.91
CA GLN A 410 5.11 -19.65 -33.09
C GLN A 410 4.38 -19.90 -31.77
N LEU A 411 3.20 -20.51 -31.85
CA LEU A 411 2.41 -20.81 -30.67
C LEU A 411 3.08 -21.95 -29.91
N ALA A 412 4.18 -22.42 -30.46
CA ALA A 412 4.95 -23.49 -29.85
C ALA A 412 6.08 -22.78 -29.08
N ARG A 413 6.98 -22.16 -29.83
CA ARG A 413 8.11 -21.43 -29.25
C ARG A 413 7.65 -20.22 -28.43
N GLY A 414 6.35 -19.96 -28.44
CA GLY A 414 5.82 -18.83 -27.70
C GLY A 414 5.79 -18.99 -26.19
N GLN A 415 4.84 -19.79 -25.71
CA GLN A 415 4.67 -20.02 -24.28
C GLN A 415 5.86 -20.72 -23.64
N ARG A 416 6.90 -20.99 -24.42
CA ARG A 416 8.10 -21.63 -23.90
C ARG A 416 9.00 -20.54 -23.31
N LEU A 417 9.28 -19.53 -24.11
CA LEU A 417 10.12 -18.41 -23.69
C LEU A 417 9.50 -17.73 -22.48
N ARG A 418 8.18 -17.79 -22.41
CA ARG A 418 7.43 -17.18 -21.30
C ARG A 418 7.86 -17.76 -19.97
N GLU A 419 7.76 -19.07 -19.86
CA GLU A 419 8.12 -19.78 -18.64
C GLU A 419 9.57 -19.53 -18.26
N LEU A 420 10.35 -19.02 -19.20
CA LEU A 420 11.75 -18.70 -18.94
C LEU A 420 11.74 -17.31 -18.35
N LEU A 421 10.84 -16.47 -18.86
CA LEU A 421 10.69 -15.10 -18.40
C LEU A 421 10.11 -15.08 -16.99
N LYS A 422 9.49 -16.18 -16.60
CA LYS A 422 8.91 -16.30 -15.27
C LYS A 422 10.08 -16.43 -14.29
N GLN A 423 9.93 -15.86 -13.10
CA GLN A 423 11.00 -15.92 -12.12
C GLN A 423 10.46 -15.92 -10.70
N PRO A 424 11.02 -16.77 -9.83
CA PRO A 424 10.57 -16.80 -8.45
C PRO A 424 11.14 -15.55 -7.80
N GLN A 425 10.37 -14.88 -6.95
CA GLN A 425 10.85 -13.65 -6.33
C GLN A 425 12.13 -13.90 -5.53
N SER A 426 12.82 -12.81 -5.19
CA SER A 426 14.06 -12.80 -4.41
C SER A 426 15.33 -13.38 -5.04
N ALA A 427 15.20 -14.04 -6.19
CA ALA A 427 16.37 -14.63 -6.85
C ALA A 427 16.74 -13.94 -8.16
N PRO A 428 17.70 -13.01 -8.11
CA PRO A 428 18.11 -12.31 -9.33
C PRO A 428 19.24 -13.05 -10.04
N LEU A 429 19.01 -13.45 -11.29
CA LEU A 429 20.02 -14.16 -12.06
C LEU A 429 21.16 -13.26 -12.50
N THR A 430 22.35 -13.83 -12.60
CA THR A 430 23.52 -13.10 -13.03
C THR A 430 23.40 -13.00 -14.55
N VAL A 431 24.23 -12.15 -15.17
CA VAL A 431 24.17 -11.99 -16.62
C VAL A 431 24.50 -13.32 -17.30
N GLU A 432 25.48 -14.02 -16.77
CA GLU A 432 25.88 -15.31 -17.33
C GLU A 432 24.66 -16.22 -17.29
N GLU A 433 24.07 -16.33 -16.11
CA GLU A 433 22.89 -17.15 -15.88
C GLU A 433 21.73 -16.62 -16.72
N GLN A 434 21.86 -15.38 -17.18
CA GLN A 434 20.83 -14.75 -18.01
C GLN A 434 20.91 -15.20 -19.46
N VAL A 435 22.02 -14.90 -20.12
CA VAL A 435 22.20 -15.28 -21.51
C VAL A 435 22.10 -16.79 -21.67
N MET A 436 22.89 -17.51 -20.87
CA MET A 436 22.89 -18.97 -20.95
C MET A 436 21.49 -19.58 -20.96
N THR A 437 20.68 -19.19 -19.98
CA THR A 437 19.32 -19.71 -19.87
C THR A 437 18.46 -19.43 -21.10
N ILE A 438 18.52 -18.19 -21.59
CA ILE A 438 17.74 -17.81 -22.77
C ILE A 438 18.18 -18.60 -24.01
N TYR A 439 19.48 -18.87 -24.11
CA TYR A 439 20.05 -19.61 -25.24
C TYR A 439 19.31 -20.94 -25.41
N THR A 440 18.96 -21.55 -24.28
CA THR A 440 18.26 -22.83 -24.27
C THR A 440 16.98 -22.82 -25.12
N GLY A 441 15.98 -22.05 -24.68
CA GLY A 441 14.73 -22.00 -25.43
C GLY A 441 14.79 -21.31 -26.78
N THR A 442 15.52 -20.20 -26.85
CA THR A 442 15.63 -19.43 -28.07
C THR A 442 16.22 -20.19 -29.27
N ASN A 443 16.96 -21.27 -29.01
CA ASN A 443 17.58 -22.03 -30.10
C ASN A 443 16.92 -23.37 -30.47
N GLY A 444 15.72 -23.61 -29.96
CA GLY A 444 15.02 -24.84 -30.28
C GLY A 444 15.22 -26.01 -29.33
N TYR A 445 15.94 -25.80 -28.24
CA TYR A 445 16.17 -26.87 -27.28
C TYR A 445 14.91 -27.21 -26.46
N LEU A 446 14.37 -26.22 -25.76
CA LEU A 446 13.16 -26.41 -24.95
C LEU A 446 11.88 -26.49 -25.78
N ASP A 447 12.04 -26.56 -27.11
CA ASP A 447 10.91 -26.60 -28.02
C ASP A 447 9.90 -27.73 -27.77
N SER A 448 10.16 -28.89 -28.35
CA SER A 448 9.27 -30.05 -28.23
C SER A 448 8.91 -30.49 -26.82
N LEU A 449 9.37 -29.77 -25.81
CA LEU A 449 9.09 -30.13 -24.42
C LEU A 449 7.71 -29.65 -23.95
N GLU A 450 7.33 -30.05 -22.75
CA GLU A 450 6.05 -29.66 -22.15
C GLU A 450 6.17 -28.43 -21.26
N LEU A 451 5.34 -27.44 -21.54
CA LEU A 451 5.33 -26.17 -20.80
C LEU A 451 5.21 -26.30 -19.28
N ASP A 452 4.21 -27.05 -18.83
CA ASP A 452 3.97 -27.24 -17.40
C ASP A 452 5.11 -28.00 -16.71
N GLN A 453 6.33 -27.81 -17.21
CA GLN A 453 7.51 -28.48 -16.65
C GLN A 453 8.73 -27.56 -16.78
N VAL A 454 8.90 -27.01 -17.98
CA VAL A 454 10.01 -26.12 -18.33
C VAL A 454 10.69 -25.34 -17.21
N ARG A 455 9.91 -24.73 -16.32
CA ARG A 455 10.47 -23.96 -15.21
C ARG A 455 11.49 -24.78 -14.41
N LYS A 456 11.16 -26.04 -14.16
CA LYS A 456 12.05 -26.94 -13.40
C LYS A 456 13.36 -27.17 -14.14
N TYR A 457 13.27 -27.28 -15.46
CA TYR A 457 14.44 -27.49 -16.31
C TYR A 457 15.51 -26.45 -16.00
N LEU A 458 15.21 -25.21 -16.32
CA LEU A 458 16.12 -24.09 -16.09
C LEU A 458 16.70 -24.13 -14.68
N VAL A 459 15.83 -24.28 -13.69
CA VAL A 459 16.25 -24.32 -12.30
C VAL A 459 17.33 -25.38 -12.09
N GLU A 460 17.11 -26.57 -12.66
CA GLU A 460 18.06 -27.66 -12.55
C GLU A 460 19.33 -27.39 -13.36
N LEU A 461 19.14 -27.13 -14.65
CA LEU A 461 20.24 -26.86 -15.57
C LEU A 461 21.16 -25.73 -15.13
N ARG A 462 20.57 -24.65 -14.62
CA ARG A 462 21.37 -23.51 -14.17
C ARG A 462 22.35 -23.97 -13.10
N THR A 463 21.83 -24.60 -12.05
CA THR A 463 22.65 -25.09 -10.97
C THR A 463 23.63 -26.14 -11.49
N TYR A 464 23.19 -26.92 -12.48
CA TYR A 464 24.03 -27.95 -13.07
C TYR A 464 25.26 -27.31 -13.73
N VAL A 465 25.05 -26.19 -14.43
CA VAL A 465 26.16 -25.49 -15.09
C VAL A 465 26.99 -24.74 -14.06
N LYS A 466 26.35 -24.22 -13.03
CA LYS A 466 27.04 -23.48 -11.98
C LYS A 466 27.90 -24.44 -11.17
N THR A 467 27.42 -25.67 -11.01
CA THR A 467 28.14 -26.68 -10.25
C THR A 467 29.26 -27.33 -11.05
N ASN A 468 28.86 -28.09 -12.07
CA ASN A 468 29.82 -28.81 -12.91
C ASN A 468 30.56 -27.98 -13.95
N LYS A 469 29.90 -26.99 -14.54
CA LYS A 469 30.53 -26.17 -15.57
C LYS A 469 30.72 -24.68 -15.27
N PRO A 470 31.16 -24.34 -14.04
CA PRO A 470 31.34 -22.92 -13.78
C PRO A 470 32.49 -22.37 -14.63
N GLU A 471 33.21 -23.30 -15.26
CA GLU A 471 34.35 -22.96 -16.11
C GLU A 471 33.93 -22.18 -17.36
N PHE A 472 32.77 -22.55 -17.92
CA PHE A 472 32.28 -21.88 -19.11
C PHE A 472 31.56 -20.57 -18.73
N GLN A 473 30.90 -20.58 -17.57
CA GLN A 473 30.17 -19.41 -17.10
C GLN A 473 31.11 -18.21 -17.00
N GLU A 474 32.38 -18.48 -16.73
CA GLU A 474 33.39 -17.42 -16.61
C GLU A 474 33.94 -17.05 -17.99
N ILE A 475 33.82 -17.96 -18.95
CA ILE A 475 34.29 -17.70 -20.31
C ILE A 475 33.32 -16.71 -20.94
N ILE A 476 32.04 -16.86 -20.56
CA ILE A 476 30.96 -16.02 -21.06
C ILE A 476 31.08 -14.55 -20.67
N SER A 477 31.18 -14.29 -19.38
CA SER A 477 31.28 -12.93 -18.87
C SER A 477 32.53 -12.16 -19.32
N SER A 478 33.70 -12.72 -19.03
CA SER A 478 34.98 -12.10 -19.39
C SER A 478 35.05 -11.75 -20.88
N THR A 479 34.54 -12.64 -21.70
CA THR A 479 34.53 -12.44 -23.15
C THR A 479 33.34 -11.53 -23.50
N LYS A 480 32.35 -11.51 -22.61
CA LYS A 480 31.16 -10.70 -22.78
C LYS A 480 30.30 -11.12 -23.97
N THR A 481 30.66 -12.23 -24.59
CA THR A 481 29.93 -12.76 -25.73
C THR A 481 30.29 -14.24 -25.93
N PHE A 482 29.39 -14.98 -26.57
CA PHE A 482 29.60 -16.41 -26.80
C PHE A 482 30.41 -16.69 -28.06
N THR A 483 31.58 -17.31 -27.87
CA THR A 483 32.47 -17.67 -28.97
C THR A 483 31.86 -18.84 -29.74
N GLU A 484 32.38 -19.10 -30.94
CA GLU A 484 31.88 -20.21 -31.75
C GLU A 484 32.07 -21.52 -31.00
N GLU A 485 32.98 -21.51 -30.02
CA GLU A 485 33.30 -22.67 -29.21
C GLU A 485 32.26 -22.90 -28.10
N ALA A 486 32.19 -21.95 -27.18
CA ALA A 486 31.26 -22.02 -26.06
C ALA A 486 29.86 -22.41 -26.52
N GLU A 487 29.49 -21.94 -27.71
CA GLU A 487 28.19 -22.24 -28.29
C GLU A 487 28.02 -23.74 -28.44
N ALA A 488 28.93 -24.36 -29.19
CA ALA A 488 28.88 -25.80 -29.42
C ALA A 488 29.12 -26.53 -28.10
N LEU A 489 29.85 -25.89 -27.20
CA LEU A 489 30.16 -26.47 -25.89
C LEU A 489 28.97 -26.25 -24.96
N LEU A 490 27.95 -25.57 -25.48
CA LEU A 490 26.73 -25.29 -24.74
C LEU A 490 25.69 -26.22 -25.36
N LYS A 491 25.87 -26.44 -26.66
CA LYS A 491 25.02 -27.31 -27.44
C LYS A 491 25.14 -28.70 -26.83
N GLU A 492 26.37 -29.10 -26.56
CA GLU A 492 26.66 -30.40 -25.96
C GLU A 492 26.10 -30.40 -24.54
N ALA A 493 26.14 -29.25 -23.91
CA ALA A 493 25.64 -29.10 -22.55
C ALA A 493 24.13 -29.26 -22.47
N ILE A 494 23.41 -28.26 -22.95
CA ILE A 494 21.94 -28.28 -22.91
C ILE A 494 21.30 -29.51 -23.55
N GLN A 495 21.67 -29.85 -24.77
CA GLN A 495 21.09 -31.02 -25.44
C GLN A 495 21.12 -32.25 -24.53
N GLU A 496 22.33 -32.66 -24.15
CA GLU A 496 22.51 -33.82 -23.28
C GLU A 496 21.87 -33.56 -21.92
N GLN A 497 21.67 -32.29 -21.59
CA GLN A 497 21.06 -31.90 -20.32
C GLN A 497 19.55 -32.00 -20.35
N MET A 498 18.94 -31.65 -21.49
CA MET A 498 17.49 -31.77 -21.62
C MET A 498 17.27 -33.26 -21.58
N GLU A 499 18.34 -33.96 -21.97
CA GLU A 499 18.37 -35.42 -22.05
C GLU A 499 18.56 -36.05 -20.67
N ARG A 500 18.15 -35.34 -19.63
CA ARG A 500 18.23 -35.85 -18.26
C ARG A 500 17.00 -35.28 -17.57
N PHE A 501 15.90 -35.21 -18.33
CA PHE A 501 14.60 -34.78 -17.82
C PHE A 501 13.36 -35.71 -17.62
N ASN B 19 -9.30 26.12 30.96
CA ASN B 19 -9.39 27.59 30.73
C ASN B 19 -10.84 28.01 30.59
N LEU B 20 -11.07 29.28 30.28
CA LEU B 20 -12.44 29.76 30.12
C LEU B 20 -12.66 30.71 28.96
N GLY B 21 -13.06 30.14 27.83
CA GLY B 21 -13.32 30.95 26.65
C GLY B 21 -14.82 31.00 26.41
N ARG B 22 -15.24 31.86 25.48
CA ARG B 22 -16.64 31.99 25.15
C ARG B 22 -16.95 31.60 23.72
N ILE B 23 -18.06 30.91 23.53
CA ILE B 23 -18.49 30.49 22.21
C ILE B 23 -18.67 31.77 21.40
N ALA B 24 -18.26 31.74 20.14
CA ALA B 24 -18.36 32.94 19.29
C ALA B 24 -19.16 32.69 18.02
N GLN B 25 -19.05 31.46 17.52
CA GLN B 25 -19.76 31.03 16.32
C GLN B 25 -20.14 29.57 16.40
N ILE B 26 -21.39 29.28 16.06
CA ILE B 26 -21.88 27.91 16.08
C ILE B 26 -22.51 27.65 14.72
N ILE B 27 -21.71 27.19 13.76
CA ILE B 27 -22.25 26.87 12.43
C ILE B 27 -22.20 25.36 12.28
N GLY B 28 -23.27 24.71 12.68
CA GLY B 28 -23.30 23.27 12.62
C GLY B 28 -22.39 22.64 13.67
N PRO B 29 -21.87 21.42 13.42
CA PRO B 29 -21.00 20.76 14.37
C PRO B 29 -19.69 21.48 14.67
N VAL B 30 -19.53 22.68 14.13
CA VAL B 30 -18.29 23.42 14.34
C VAL B 30 -18.42 24.65 15.23
N LEU B 31 -17.63 24.70 16.29
CA LEU B 31 -17.66 25.82 17.23
C LEU B 31 -16.40 26.64 17.19
N ASN B 32 -16.58 27.96 17.20
CA ASN B 32 -15.45 28.85 17.19
C ASN B 32 -15.39 29.53 18.54
N VAL B 33 -14.76 28.84 19.49
CA VAL B 33 -14.60 29.33 20.86
C VAL B 33 -13.58 30.45 20.84
N ALA B 34 -13.64 31.32 21.84
CA ALA B 34 -12.69 32.41 21.91
C ALA B 34 -12.14 32.56 23.32
N PHE B 35 -10.85 32.32 23.48
CA PHE B 35 -10.16 32.44 24.76
C PHE B 35 -9.42 33.78 24.81
N PRO B 36 -8.71 34.05 25.91
CA PRO B 36 -7.97 35.31 26.00
C PRO B 36 -6.61 35.10 25.34
N PRO B 37 -5.90 36.18 24.99
CA PRO B 37 -4.59 36.06 24.35
C PRO B 37 -3.58 35.15 25.08
N GLY B 38 -3.88 34.82 26.33
CA GLY B 38 -2.98 33.95 27.07
C GLY B 38 -3.36 32.50 26.84
N LYS B 39 -4.61 32.18 27.16
CA LYS B 39 -5.14 30.84 26.99
C LYS B 39 -5.23 30.50 25.50
N MET B 40 -4.74 29.32 25.13
CA MET B 40 -4.75 28.86 23.75
C MET B 40 -4.77 27.34 23.80
N PRO B 41 -5.96 26.73 23.81
CA PRO B 41 -5.95 25.27 23.86
C PRO B 41 -5.10 24.67 22.73
N ASN B 42 -4.24 23.72 23.07
CA ASN B 42 -3.39 23.10 22.08
C ASN B 42 -4.26 22.45 21.01
N ILE B 43 -3.71 22.20 19.84
CA ILE B 43 -4.47 21.55 18.78
C ILE B 43 -4.77 20.13 19.26
N TYR B 44 -5.97 19.64 18.98
CA TYR B 44 -6.40 18.31 19.38
C TYR B 44 -6.71 18.17 20.87
N ASN B 45 -6.44 19.21 21.66
CA ASN B 45 -6.77 19.21 23.08
C ASN B 45 -8.29 19.42 23.15
N ALA B 46 -9.02 18.57 23.86
CA ALA B 46 -10.48 18.70 23.91
C ALA B 46 -11.01 19.76 24.87
N LEU B 47 -12.05 20.44 24.41
CA LEU B 47 -12.75 21.48 25.14
C LEU B 47 -14.12 20.95 25.57
N ILE B 48 -14.76 21.63 26.52
CA ILE B 48 -16.08 21.21 26.96
C ILE B 48 -17.00 22.40 27.24
N VAL B 49 -18.20 22.40 26.64
CA VAL B 49 -19.13 23.51 26.84
C VAL B 49 -20.15 23.20 27.94
N LYS B 50 -20.60 24.25 28.60
CA LYS B 50 -21.50 24.14 29.74
C LYS B 50 -23.04 24.09 29.67
N GLY B 51 -23.67 24.62 28.62
CA GLY B 51 -25.13 24.58 28.58
C GLY B 51 -25.73 24.12 27.26
N ARG B 52 -26.88 23.46 27.30
CA ARG B 52 -27.46 22.99 26.05
C ARG B 52 -28.96 22.70 25.93
N ASP B 53 -29.35 21.43 26.07
CA ASP B 53 -30.74 20.99 25.87
C ASP B 53 -31.90 21.43 26.76
N THR B 54 -33.07 21.43 26.12
CA THR B 54 -34.36 21.80 26.70
C THR B 54 -34.48 21.81 28.22
N ALA B 55 -34.22 22.97 28.82
CA ALA B 55 -34.29 23.15 30.27
C ALA B 55 -33.60 22.06 31.08
N GLY B 56 -32.29 22.22 31.26
CA GLY B 56 -31.49 21.25 31.98
C GLY B 56 -30.04 21.52 31.63
N GLN B 57 -29.13 21.41 32.59
CA GLN B 57 -27.72 21.68 32.32
C GLN B 57 -26.77 20.48 32.29
N PRO B 58 -26.46 19.97 31.08
CA PRO B 58 -25.56 18.84 30.93
C PRO B 58 -24.22 19.23 30.29
N MET B 59 -23.20 18.40 30.49
CA MET B 59 -21.86 18.69 29.95
C MET B 59 -21.49 17.81 28.75
N ASN B 60 -22.49 17.15 28.16
CA ASN B 60 -22.27 16.26 27.02
C ASN B 60 -21.50 16.94 25.87
N VAL B 61 -21.69 18.24 25.74
CA VAL B 61 -21.04 18.99 24.67
C VAL B 61 -19.52 19.08 24.79
N THR B 62 -18.84 18.08 24.23
CA THR B 62 -17.38 18.02 24.23
C THR B 62 -16.89 18.25 22.81
N CYS B 63 -15.84 19.07 22.68
CA CYS B 63 -15.28 19.37 21.37
C CYS B 63 -13.78 19.12 21.35
N GLU B 64 -13.21 19.12 20.15
CA GLU B 64 -11.78 18.89 19.98
C GLU B 64 -11.17 20.07 19.21
N VAL B 65 -10.18 20.73 19.80
CA VAL B 65 -9.54 21.85 19.12
C VAL B 65 -8.85 21.31 17.88
N GLN B 66 -9.01 21.98 16.73
CA GLN B 66 -8.37 21.54 15.49
C GLN B 66 -7.73 22.66 14.70
N GLN B 67 -7.86 23.91 15.17
CA GLN B 67 -7.29 25.07 14.50
C GLN B 67 -7.21 26.31 15.39
N LEU B 68 -6.16 27.11 15.22
CA LEU B 68 -6.02 28.35 15.98
C LEU B 68 -6.23 29.49 14.97
N LEU B 69 -7.49 29.71 14.59
CA LEU B 69 -7.86 30.74 13.62
C LEU B 69 -7.12 32.07 13.75
N GLY B 70 -6.47 32.30 14.89
CA GLY B 70 -5.79 33.55 15.07
C GLY B 70 -6.81 34.50 15.65
N ASN B 71 -6.40 35.68 16.09
CA ASN B 71 -7.31 36.65 16.69
C ASN B 71 -7.88 36.13 18.00
N ASN B 72 -7.09 35.35 18.74
CA ASN B 72 -7.52 34.78 20.00
C ASN B 72 -8.74 33.91 19.74
N ARG B 73 -8.59 32.87 18.93
CA ARG B 73 -9.76 32.06 18.63
C ARG B 73 -9.45 30.72 18.02
N VAL B 74 -9.96 29.67 18.64
CA VAL B 74 -9.75 28.32 18.14
C VAL B 74 -11.04 27.83 17.50
N ARG B 75 -10.91 26.91 16.56
CA ARG B 75 -12.11 26.34 15.96
C ARG B 75 -12.17 24.97 16.60
N ALA B 76 -13.32 24.31 16.45
CA ALA B 76 -13.48 22.98 17.04
C ALA B 76 -14.74 22.30 16.56
N VAL B 77 -14.71 20.97 16.62
CA VAL B 77 -15.85 20.18 16.21
C VAL B 77 -16.35 19.48 17.49
N ALA B 78 -17.67 19.48 17.67
CA ALA B 78 -18.26 18.87 18.84
C ALA B 78 -18.47 17.39 18.59
N MET B 79 -18.40 16.58 19.66
CA MET B 79 -18.59 15.14 19.55
C MET B 79 -20.07 14.86 19.84
N SER B 80 -20.80 15.92 20.18
CA SER B 80 -22.22 15.84 20.51
C SER B 80 -23.00 16.87 19.69
N ALA B 81 -24.32 16.69 19.57
CA ALA B 81 -25.16 17.62 18.80
C ALA B 81 -25.21 19.01 19.44
N THR B 82 -24.92 20.04 18.66
CA THR B 82 -24.89 21.41 19.17
C THR B 82 -26.19 22.17 19.12
N ASP B 83 -27.31 21.46 19.11
CA ASP B 83 -28.60 22.12 19.09
C ASP B 83 -28.95 22.62 20.50
N GLY B 84 -29.31 23.88 20.59
CA GLY B 84 -29.65 24.44 21.88
C GLY B 84 -28.55 25.35 22.38
N LEU B 85 -27.36 25.21 21.81
CA LEU B 85 -26.20 26.02 22.22
C LEU B 85 -26.34 27.51 21.87
N THR B 86 -25.69 28.34 22.67
CA THR B 86 -25.72 29.78 22.52
C THR B 86 -24.34 30.44 22.55
N ARG B 87 -24.23 31.64 21.98
CA ARG B 87 -22.99 32.38 21.98
C ARG B 87 -22.81 32.96 23.37
N GLY B 88 -21.58 32.97 23.86
CA GLY B 88 -21.33 33.53 25.17
C GLY B 88 -21.10 32.44 26.19
N MET B 89 -21.63 31.26 25.90
CA MET B 89 -21.48 30.13 26.80
C MET B 89 -20.01 29.82 27.01
N GLU B 90 -19.66 29.60 28.28
CA GLU B 90 -18.30 29.31 28.70
C GLU B 90 -17.74 27.95 28.27
N VAL B 91 -16.53 27.97 27.74
CA VAL B 91 -15.86 26.74 27.31
C VAL B 91 -14.64 26.61 28.19
N ILE B 92 -14.19 25.37 28.40
CA ILE B 92 -13.05 25.16 29.27
C ILE B 92 -12.00 24.23 28.67
N ASP B 93 -10.75 24.59 28.85
CA ASP B 93 -9.62 23.81 28.33
C ASP B 93 -9.20 22.77 29.37
N THR B 94 -9.54 21.51 29.10
CA THR B 94 -9.22 20.42 30.02
C THR B 94 -7.73 20.30 30.31
N GLY B 95 -6.92 20.81 29.38
CA GLY B 95 -5.48 20.78 29.57
C GLY B 95 -4.78 19.59 28.92
N ALA B 96 -5.50 18.89 28.05
CA ALA B 96 -4.98 17.72 27.35
C ALA B 96 -6.05 17.24 26.39
N PRO B 97 -5.80 16.15 25.67
CA PRO B 97 -6.85 15.70 24.75
C PRO B 97 -7.88 14.77 25.41
N LEU B 98 -8.92 14.41 24.66
CA LEU B 98 -9.98 13.53 25.15
C LEU B 98 -9.47 12.21 25.66
N SER B 99 -9.69 11.98 26.95
CA SER B 99 -9.23 10.76 27.62
C SER B 99 -10.30 9.67 27.78
N VAL B 100 -10.10 8.56 27.08
CA VAL B 100 -11.00 7.43 27.16
C VAL B 100 -10.42 6.48 28.21
N PRO B 101 -11.27 5.94 29.10
CA PRO B 101 -10.74 5.01 30.11
C PRO B 101 -10.44 3.66 29.45
N VAL B 102 -9.23 3.14 29.68
CA VAL B 102 -8.85 1.87 29.07
C VAL B 102 -8.38 0.80 30.04
N GLY B 103 -8.32 -0.43 29.54
CA GLY B 103 -7.90 -1.55 30.34
C GLY B 103 -8.94 -2.66 30.37
N GLY B 104 -8.72 -3.64 31.24
CA GLY B 104 -9.63 -4.77 31.35
C GLY B 104 -11.06 -4.38 31.68
N PRO B 105 -11.24 -3.33 32.48
CA PRO B 105 -12.61 -2.94 32.82
C PRO B 105 -13.30 -2.20 31.69
N THR B 106 -13.33 -2.82 30.53
CA THR B 106 -13.97 -2.25 29.34
C THR B 106 -14.65 -3.40 28.63
N LEU B 107 -14.11 -4.61 28.84
CA LEU B 107 -14.64 -5.82 28.22
C LEU B 107 -16.07 -6.10 28.69
N GLY B 108 -16.89 -6.54 27.75
CA GLY B 108 -18.27 -6.85 28.08
C GLY B 108 -19.18 -5.64 28.13
N ARG B 109 -18.60 -4.46 27.97
CA ARG B 109 -19.38 -3.23 28.00
C ARG B 109 -19.47 -2.57 26.62
N ILE B 110 -20.25 -1.51 26.57
CA ILE B 110 -20.45 -0.76 25.34
C ILE B 110 -20.04 0.67 25.65
N PHE B 111 -19.19 1.23 24.80
CA PHE B 111 -18.70 2.59 25.03
C PHE B 111 -19.14 3.67 24.05
N ASN B 112 -18.95 4.90 24.51
CA ASN B 112 -19.29 6.12 23.78
C ASN B 112 -18.02 6.56 23.07
N VAL B 113 -18.08 7.68 22.36
CA VAL B 113 -16.89 8.18 21.67
C VAL B 113 -16.07 8.83 22.76
N LEU B 114 -16.75 9.15 23.86
CA LEU B 114 -16.14 9.82 25.00
C LEU B 114 -15.89 8.83 26.12
N GLY B 115 -15.95 7.54 25.79
CA GLY B 115 -15.72 6.50 26.78
C GLY B 115 -16.72 6.46 27.93
N GLU B 116 -17.99 6.70 27.61
CA GLU B 116 -19.03 6.68 28.61
C GLU B 116 -19.85 5.41 28.35
N PRO B 117 -20.21 4.67 29.42
CA PRO B 117 -20.98 3.45 29.19
C PRO B 117 -22.36 3.77 28.64
N VAL B 118 -22.70 3.10 27.54
CA VAL B 118 -23.96 3.28 26.87
C VAL B 118 -24.71 1.95 26.89
N ASP B 119 -24.24 1.05 27.77
CA ASP B 119 -24.83 -0.29 27.92
C ASP B 119 -25.68 -0.45 29.19
N ASN B 120 -25.85 0.63 29.94
CA ASN B 120 -26.64 0.62 31.17
C ASN B 120 -26.34 -0.55 32.12
N LEU B 121 -25.12 -0.59 32.62
CA LEU B 121 -24.67 -1.64 33.52
C LEU B 121 -23.77 -1.04 34.61
N ARG B 122 -24.03 0.22 34.96
CA ARG B 122 -23.27 0.93 35.99
C ARG B 122 -22.05 1.68 35.45
N PRO B 123 -21.41 2.55 36.26
CA PRO B 123 -20.25 3.26 35.73
C PRO B 123 -19.10 2.31 35.41
N VAL B 124 -18.13 2.78 34.62
CA VAL B 124 -16.98 1.97 34.24
C VAL B 124 -15.84 2.16 35.25
N ASP B 125 -15.53 1.08 35.97
CA ASP B 125 -14.48 1.10 36.99
C ASP B 125 -13.11 0.83 36.39
N THR B 126 -12.51 1.85 35.78
CA THR B 126 -11.19 1.68 35.17
C THR B 126 -10.04 2.07 36.08
N ARG B 127 -8.84 1.65 35.69
CA ARG B 127 -7.64 1.95 36.45
C ARG B 127 -7.12 3.30 35.96
N THR B 128 -6.94 3.42 34.65
CA THR B 128 -6.43 4.65 34.07
C THR B 128 -7.11 5.00 32.75
N THR B 129 -7.11 6.30 32.44
CA THR B 129 -7.68 6.80 31.20
C THR B 129 -6.56 6.71 30.17
N SER B 130 -6.81 7.16 28.95
CA SER B 130 -5.81 7.11 27.88
C SER B 130 -6.17 8.01 26.69
N PRO B 131 -5.20 8.78 26.17
CA PRO B 131 -5.41 9.69 25.02
C PRO B 131 -5.59 9.00 23.68
N ILE B 132 -6.66 9.36 22.97
CA ILE B 132 -6.93 8.77 21.67
C ILE B 132 -5.90 9.22 20.64
N HIS B 133 -5.09 10.20 21.02
CA HIS B 133 -4.04 10.74 20.14
C HIS B 133 -2.67 10.31 20.67
N ARG B 134 -2.15 9.23 20.10
CA ARG B 134 -0.85 8.70 20.49
C ARG B 134 0.02 8.42 19.27
N SER B 135 1.33 8.63 19.44
CA SER B 135 2.30 8.41 18.38
C SER B 135 2.46 6.93 18.05
N ALA B 136 2.35 6.61 16.76
CA ALA B 136 2.47 5.23 16.30
C ALA B 136 3.78 4.60 16.79
N PRO B 137 3.93 3.28 16.61
CA PRO B 137 5.17 2.65 17.06
C PRO B 137 6.37 3.14 16.26
N ALA B 138 7.54 3.18 16.89
CA ALA B 138 8.76 3.61 16.21
C ALA B 138 9.17 2.53 15.20
N PHE B 139 9.96 2.90 14.20
CA PHE B 139 10.41 1.95 13.19
C PHE B 139 11.08 0.68 13.74
N THR B 140 11.62 0.78 14.96
CA THR B 140 12.30 -0.35 15.58
C THR B 140 11.38 -1.14 16.53
N GLN B 141 10.09 -0.85 16.47
CA GLN B 141 9.13 -1.53 17.31
C GLN B 141 8.19 -2.36 16.43
N LEU B 142 8.59 -2.55 15.17
CA LEU B 142 7.81 -3.30 14.20
C LEU B 142 8.27 -4.76 14.10
N ASP B 143 7.56 -5.55 13.29
CA ASP B 143 7.88 -6.97 13.11
C ASP B 143 7.69 -7.45 11.68
N THR B 144 8.25 -8.62 11.38
CA THR B 144 8.16 -9.20 10.05
C THR B 144 7.65 -10.65 10.01
N LYS B 145 7.29 -11.19 11.18
CA LYS B 145 6.78 -12.54 11.25
C LYS B 145 5.48 -12.62 10.45
N LEU B 146 5.33 -13.67 9.67
CA LEU B 146 4.14 -13.83 8.83
C LEU B 146 3.41 -15.16 9.04
N SER B 147 2.41 -15.15 9.93
CA SER B 147 1.63 -16.34 10.23
C SER B 147 0.27 -16.28 9.55
N ILE B 148 -0.31 -17.44 9.25
CA ILE B 148 -1.61 -17.48 8.57
C ILE B 148 -2.77 -17.31 9.55
N PHE B 149 -3.98 -17.15 9.00
CA PHE B 149 -5.19 -16.95 9.80
C PHE B 149 -6.35 -17.68 9.10
N GLU B 150 -6.39 -19.00 9.24
CA GLU B 150 -7.45 -19.81 8.62
C GLU B 150 -8.81 -19.28 9.04
N THR B 151 -9.58 -18.80 8.07
CA THR B 151 -10.91 -18.23 8.34
C THR B 151 -12.08 -19.20 8.17
N GLY B 152 -12.06 -20.00 7.12
CA GLY B 152 -13.14 -20.94 6.91
C GLY B 152 -13.95 -20.63 5.67
N ILE B 153 -13.43 -19.74 4.84
CA ILE B 153 -14.10 -19.36 3.60
C ILE B 153 -13.28 -19.89 2.42
N LYS B 154 -13.94 -20.62 1.54
CA LYS B 154 -13.28 -21.22 0.38
C LYS B 154 -12.63 -20.26 -0.62
N VAL B 155 -12.45 -19.00 -0.24
CA VAL B 155 -11.81 -18.03 -1.13
C VAL B 155 -10.72 -17.21 -0.45
N VAL B 156 -10.91 -16.97 0.85
CA VAL B 156 -9.95 -16.20 1.64
C VAL B 156 -8.62 -16.93 1.81
N ASN B 157 -8.61 -17.93 2.69
CA ASN B 157 -7.41 -18.70 2.97
C ASN B 157 -6.74 -19.37 1.77
N LEU B 158 -7.37 -19.31 0.59
CA LEU B 158 -6.79 -19.94 -0.58
C LEU B 158 -6.31 -18.96 -1.65
N LEU B 159 -7.02 -17.84 -1.80
CA LEU B 159 -6.65 -16.85 -2.80
C LEU B 159 -6.17 -15.53 -2.23
N ALA B 160 -6.33 -15.35 -0.92
CA ALA B 160 -5.92 -14.10 -0.27
C ALA B 160 -5.94 -14.26 1.23
N PRO B 161 -4.96 -14.99 1.79
CA PRO B 161 -4.87 -15.22 3.25
C PRO B 161 -4.83 -13.99 4.16
N TYR B 162 -4.71 -14.25 5.46
CA TYR B 162 -4.66 -13.20 6.48
C TYR B 162 -3.39 -13.35 7.34
N ARG B 163 -2.48 -12.39 7.23
CA ARG B 163 -1.24 -12.44 8.01
C ARG B 163 -1.54 -11.92 9.40
N ARG B 164 -1.17 -12.67 10.43
CA ARG B 164 -1.42 -12.23 11.80
C ARG B 164 -0.62 -10.98 12.09
N GLY B 165 -1.26 -9.99 12.70
CA GLY B 165 -0.60 -8.74 12.99
C GLY B 165 -0.91 -7.88 11.78
N GLY B 166 -1.40 -8.54 10.75
CA GLY B 166 -1.74 -7.85 9.52
C GLY B 166 -3.04 -7.08 9.60
N LYS B 167 -3.25 -6.21 8.63
CA LYS B 167 -4.45 -5.39 8.57
C LYS B 167 -5.22 -5.72 7.30
N ILE B 168 -6.29 -6.49 7.47
CA ILE B 168 -7.14 -6.92 6.36
C ILE B 168 -8.13 -5.87 5.87
N GLY B 169 -8.24 -5.75 4.55
CA GLY B 169 -9.14 -4.79 3.96
C GLY B 169 -10.29 -5.53 3.29
N LEU B 170 -11.50 -5.32 3.81
CA LEU B 170 -12.68 -5.96 3.27
C LEU B 170 -13.49 -4.88 2.58
N PHE B 171 -13.35 -4.80 1.25
CA PHE B 171 -14.05 -3.79 0.47
C PHE B 171 -15.29 -4.33 -0.20
N GLY B 172 -16.15 -3.41 -0.64
CA GLY B 172 -17.38 -3.76 -1.30
C GLY B 172 -18.32 -2.57 -1.28
N GLY B 173 -19.30 -2.55 -2.18
CA GLY B 173 -20.24 -1.45 -2.26
C GLY B 173 -21.47 -1.66 -1.38
N ALA B 174 -22.36 -0.68 -1.37
CA ALA B 174 -23.58 -0.73 -0.58
C ALA B 174 -24.29 -2.07 -0.63
N GLY B 175 -24.29 -2.77 0.50
CA GLY B 175 -24.94 -4.06 0.57
C GLY B 175 -24.32 -5.11 -0.32
N VAL B 176 -23.29 -5.79 0.19
CA VAL B 176 -22.60 -6.84 -0.55
C VAL B 176 -22.27 -8.01 0.35
N GLY B 177 -22.21 -7.75 1.65
CA GLY B 177 -21.92 -8.81 2.61
C GLY B 177 -20.74 -8.56 3.53
N LYS B 178 -20.26 -7.32 3.59
CA LYS B 178 -19.11 -6.99 4.45
C LYS B 178 -19.41 -7.22 5.93
N THR B 179 -20.61 -6.86 6.36
CA THR B 179 -21.01 -7.04 7.75
C THR B 179 -21.17 -8.53 8.06
N VAL B 180 -21.93 -9.22 7.22
CA VAL B 180 -22.14 -10.65 7.38
C VAL B 180 -20.75 -11.29 7.38
N LEU B 181 -19.84 -10.65 6.66
CA LEU B 181 -18.46 -11.12 6.55
C LEU B 181 -17.66 -10.85 7.82
N ILE B 182 -17.89 -9.70 8.45
CA ILE B 182 -17.18 -9.36 9.68
C ILE B 182 -17.77 -10.16 10.85
N MET B 183 -18.92 -10.79 10.62
CA MET B 183 -19.58 -11.59 11.64
C MET B 183 -19.05 -13.02 11.66
N GLU B 184 -19.02 -13.66 10.48
CA GLU B 184 -18.53 -15.03 10.36
C GLU B 184 -17.06 -15.09 10.75
N LEU B 185 -16.41 -13.93 10.77
CA LEU B 185 -15.00 -13.82 11.14
C LEU B 185 -14.93 -13.76 12.67
N ILE B 186 -15.96 -13.18 13.27
CA ILE B 186 -16.04 -13.08 14.72
C ILE B 186 -16.54 -14.42 15.23
N ASN B 187 -17.18 -15.17 14.33
CA ASN B 187 -17.71 -16.48 14.64
C ASN B 187 -16.61 -17.52 14.45
N ASN B 188 -15.97 -17.48 13.28
CA ASN B 188 -14.90 -18.42 12.95
C ASN B 188 -13.57 -18.13 13.64
N ILE B 189 -13.33 -16.87 14.01
CA ILE B 189 -12.04 -16.53 14.63
C ILE B 189 -12.06 -15.84 15.99
N ALA B 190 -12.99 -14.92 16.22
CA ALA B 190 -13.07 -14.20 17.48
C ALA B 190 -13.56 -15.03 18.66
N LYS B 191 -14.65 -15.76 18.47
CA LYS B 191 -15.22 -16.59 19.52
C LYS B 191 -14.21 -17.59 20.07
N ALA B 192 -13.40 -18.15 19.17
CA ALA B 192 -12.39 -19.13 19.54
C ALA B 192 -11.01 -18.53 19.75
N HIS B 193 -10.84 -17.26 19.41
CA HIS B 193 -9.54 -16.61 19.55
C HIS B 193 -8.98 -16.69 20.96
N GLY B 194 -7.72 -17.09 21.06
CA GLY B 194 -7.05 -17.18 22.34
C GLY B 194 -6.48 -15.81 22.68
N GLY B 195 -7.37 -14.87 22.97
CA GLY B 195 -6.95 -13.53 23.30
C GLY B 195 -8.15 -12.59 23.28
N VAL B 196 -7.89 -11.32 23.55
CA VAL B 196 -8.96 -10.33 23.57
C VAL B 196 -9.32 -9.84 22.16
N SER B 197 -10.46 -9.19 22.05
CA SER B 197 -10.91 -8.65 20.77
C SER B 197 -11.60 -7.32 21.04
N VAL B 198 -11.83 -6.57 19.97
CA VAL B 198 -12.52 -5.29 20.06
C VAL B 198 -13.29 -5.08 18.77
N PHE B 199 -14.47 -4.48 18.87
CA PHE B 199 -15.26 -4.22 17.69
C PHE B 199 -15.60 -2.74 17.68
N GLY B 200 -15.12 -2.04 16.66
CA GLY B 200 -15.38 -0.62 16.55
C GLY B 200 -16.66 -0.36 15.78
N GLY B 201 -17.52 0.50 16.34
CA GLY B 201 -18.76 0.86 15.69
C GLY B 201 -18.54 2.19 14.99
N VAL B 202 -18.05 2.12 13.75
CA VAL B 202 -17.76 3.31 12.98
C VAL B 202 -18.73 3.56 11.83
N GLY B 203 -19.67 4.46 12.06
CA GLY B 203 -20.65 4.82 11.04
C GLY B 203 -21.57 3.79 10.43
N GLU B 204 -22.25 2.99 11.25
CA GLU B 204 -23.18 2.00 10.70
C GLU B 204 -24.52 1.86 11.41
N ARG B 205 -25.33 0.93 10.94
CA ARG B 205 -26.66 0.70 11.47
C ARG B 205 -26.69 0.33 12.95
N THR B 206 -27.71 0.83 13.66
CA THR B 206 -27.86 0.53 15.08
C THR B 206 -28.19 -0.96 15.23
N ARG B 207 -28.98 -1.49 14.30
CA ARG B 207 -29.34 -2.91 14.33
C ARG B 207 -28.07 -3.74 14.37
N GLU B 208 -27.14 -3.44 13.47
CA GLU B 208 -25.86 -4.15 13.39
C GLU B 208 -25.10 -4.08 14.71
N GLY B 209 -25.67 -3.37 15.67
CA GLY B 209 -25.04 -3.26 16.98
C GLY B 209 -25.80 -4.16 17.93
N ASN B 210 -27.12 -3.96 17.98
CA ASN B 210 -27.99 -4.74 18.83
C ASN B 210 -27.86 -6.22 18.46
N ASP B 211 -27.77 -6.50 17.16
CA ASP B 211 -27.63 -7.87 16.68
C ASP B 211 -26.35 -8.48 17.24
N LEU B 212 -25.22 -7.93 16.83
CA LEU B 212 -23.92 -8.38 17.28
C LEU B 212 -23.88 -8.53 18.80
N TYR B 213 -24.67 -7.71 19.49
CA TYR B 213 -24.70 -7.74 20.96
C TYR B 213 -25.45 -8.95 21.49
N MET B 214 -26.74 -9.05 21.17
CA MET B 214 -27.55 -10.17 21.64
C MET B 214 -27.08 -11.53 21.14
N GLU B 215 -26.27 -11.53 20.08
CA GLU B 215 -25.73 -12.80 19.56
C GLU B 215 -24.48 -13.16 20.34
N MET B 216 -23.60 -12.18 20.53
CA MET B 216 -22.37 -12.38 21.28
C MET B 216 -22.67 -12.63 22.75
N LYS B 217 -23.93 -12.39 23.12
CA LYS B 217 -24.39 -12.61 24.48
C LYS B 217 -24.68 -14.10 24.63
N GLU B 218 -25.53 -14.62 23.75
CA GLU B 218 -25.89 -16.03 23.75
C GLU B 218 -24.71 -16.96 23.56
N SER B 219 -23.72 -16.54 22.77
CA SER B 219 -22.54 -17.37 22.54
C SER B 219 -21.58 -17.27 23.72
N GLY B 220 -21.97 -16.47 24.71
CA GLY B 220 -21.15 -16.30 25.91
C GLY B 220 -19.87 -15.50 25.79
N VAL B 221 -19.73 -14.69 24.75
CA VAL B 221 -18.52 -13.89 24.61
C VAL B 221 -18.58 -12.78 25.63
N ILE B 222 -19.80 -12.35 25.95
CA ILE B 222 -20.02 -11.31 26.93
C ILE B 222 -20.24 -12.00 28.27
N ASN B 223 -20.29 -11.21 29.34
CA ASN B 223 -20.48 -11.75 30.68
C ASN B 223 -21.90 -12.28 30.87
N GLU B 224 -22.07 -13.60 30.95
CA GLU B 224 -23.39 -14.17 31.17
C GLU B 224 -23.72 -13.78 32.60
N GLN B 225 -22.67 -13.71 33.40
CA GLN B 225 -22.74 -13.30 34.80
C GLN B 225 -21.47 -12.48 34.97
N ASN B 226 -21.47 -11.52 35.89
CA ASN B 226 -20.30 -10.69 36.06
C ASN B 226 -19.09 -11.35 36.73
N ILE B 227 -18.76 -12.55 36.26
CA ILE B 227 -17.60 -13.26 36.76
C ILE B 227 -16.47 -12.71 35.90
N ALA B 228 -16.87 -11.86 34.95
CA ALA B 228 -16.00 -11.18 34.01
C ALA B 228 -15.05 -12.07 33.21
N GLU B 229 -15.61 -12.98 32.41
CA GLU B 229 -14.80 -13.87 31.60
C GLU B 229 -14.80 -13.39 30.15
N SER B 230 -15.34 -12.19 29.93
CA SER B 230 -15.42 -11.62 28.59
C SER B 230 -14.06 -11.40 27.94
N LYS B 231 -14.05 -11.46 26.60
CA LYS B 231 -12.84 -11.26 25.82
C LYS B 231 -13.13 -10.30 24.65
N VAL B 232 -14.07 -9.38 24.89
CA VAL B 232 -14.46 -8.42 23.89
C VAL B 232 -14.88 -7.10 24.54
N ALA B 233 -14.58 -6.00 23.84
CA ALA B 233 -14.90 -4.65 24.30
C ALA B 233 -15.50 -3.88 23.12
N LEU B 234 -16.69 -3.31 23.32
CA LEU B 234 -17.38 -2.57 22.26
C LEU B 234 -17.42 -1.05 22.42
N VAL B 235 -17.33 -0.35 21.28
CA VAL B 235 -17.41 1.10 21.26
C VAL B 235 -18.31 1.48 20.10
N TYR B 236 -19.54 1.89 20.40
CA TYR B 236 -20.51 2.24 19.37
C TYR B 236 -20.86 3.70 19.12
N GLY B 237 -20.57 4.14 17.90
CA GLY B 237 -20.88 5.49 17.45
C GLY B 237 -21.52 5.26 16.10
N GLN B 238 -22.84 5.07 16.09
CA GLN B 238 -23.54 4.79 14.85
C GLN B 238 -23.88 5.98 13.96
N MET B 239 -24.56 5.69 12.86
CA MET B 239 -24.98 6.68 11.87
C MET B 239 -25.48 8.00 12.47
N ASN B 240 -26.59 7.94 13.17
CA ASN B 240 -27.21 9.11 13.78
C ASN B 240 -26.27 10.15 14.42
N GLU B 241 -25.19 9.68 15.03
CA GLU B 241 -24.26 10.59 15.68
C GLU B 241 -23.72 11.66 14.72
N PRO B 242 -23.34 12.84 15.26
CA PRO B 242 -22.80 13.94 14.44
C PRO B 242 -21.52 13.49 13.73
N PRO B 243 -20.89 14.38 12.93
CA PRO B 243 -19.66 14.03 12.20
C PRO B 243 -18.43 13.85 13.10
N GLY B 244 -18.19 14.81 13.99
CA GLY B 244 -17.05 14.73 14.89
C GLY B 244 -17.13 13.62 15.92
N ALA B 245 -17.76 12.50 15.56
CA ALA B 245 -17.91 11.37 16.47
C ALA B 245 -17.36 10.14 15.79
N ARG B 246 -17.94 9.80 14.64
CA ARG B 246 -17.51 8.64 13.87
C ARG B 246 -16.19 8.90 13.20
N MET B 247 -15.66 10.11 13.35
CA MET B 247 -14.36 10.43 12.79
C MET B 247 -13.40 10.06 13.92
N ARG B 248 -13.98 9.70 15.07
CA ARG B 248 -13.15 9.36 16.22
C ARG B 248 -13.47 8.09 17.00
N VAL B 249 -14.67 7.51 16.86
CA VAL B 249 -14.95 6.30 17.62
C VAL B 249 -13.98 5.22 17.20
N GLY B 250 -13.39 5.41 16.02
CA GLY B 250 -12.41 4.46 15.55
C GLY B 250 -11.24 4.56 16.50
N LEU B 251 -10.92 5.79 16.89
CA LEU B 251 -9.80 6.06 17.80
C LEU B 251 -10.05 5.70 19.26
N THR B 252 -11.29 5.43 19.63
CA THR B 252 -11.60 5.02 20.99
C THR B 252 -11.49 3.51 21.00
N ALA B 253 -12.05 2.89 19.96
CA ALA B 253 -12.00 1.45 19.82
C ALA B 253 -10.54 1.06 19.74
N LEU B 254 -9.72 1.99 19.27
CA LEU B 254 -8.29 1.73 19.10
C LEU B 254 -7.41 2.15 20.27
N THR B 255 -7.87 3.09 21.09
CA THR B 255 -7.09 3.51 22.26
C THR B 255 -7.19 2.40 23.30
N MET B 256 -8.27 1.63 23.21
CA MET B 256 -8.50 0.52 24.11
C MET B 256 -7.73 -0.69 23.60
N ALA B 257 -7.47 -0.70 22.30
CA ALA B 257 -6.75 -1.80 21.67
C ALA B 257 -5.25 -1.56 21.79
N GLU B 258 -4.86 -0.30 21.90
CA GLU B 258 -3.44 0.05 22.04
C GLU B 258 -3.02 -0.09 23.50
N TYR B 259 -3.81 -0.84 24.27
CA TYR B 259 -3.53 -1.11 25.68
C TYR B 259 -3.29 -2.61 25.80
N PHE B 260 -4.28 -3.40 25.41
CA PHE B 260 -4.16 -4.84 25.48
C PHE B 260 -2.93 -5.28 24.70
N ARG B 261 -2.60 -4.54 23.64
CA ARG B 261 -1.45 -4.87 22.79
C ARG B 261 -0.08 -4.72 23.44
N ASP B 262 0.16 -3.60 24.11
CA ASP B 262 1.46 -3.37 24.71
C ASP B 262 1.52 -3.42 26.23
N VAL B 263 0.40 -3.16 26.90
CA VAL B 263 0.41 -3.18 28.36
C VAL B 263 0.21 -4.58 28.94
N ASN B 264 -0.70 -5.36 28.34
CA ASN B 264 -0.96 -6.72 28.80
C ASN B 264 -0.33 -7.73 27.85
N GLU B 265 0.51 -7.24 26.95
CA GLU B 265 1.18 -8.08 25.96
C GLU B 265 0.30 -9.18 25.39
N GLN B 266 -0.90 -8.81 24.96
CA GLN B 266 -1.85 -9.76 24.38
C GLN B 266 -1.92 -9.63 22.86
N ASP B 267 -2.57 -10.59 22.23
CA ASP B 267 -2.78 -10.59 20.78
C ASP B 267 -4.24 -10.22 20.62
N VAL B 268 -4.51 -8.98 20.22
CA VAL B 268 -5.87 -8.50 20.09
C VAL B 268 -6.43 -8.42 18.66
N LEU B 269 -7.75 -8.41 18.55
CA LEU B 269 -8.41 -8.29 17.25
C LEU B 269 -9.19 -6.97 17.23
N LEU B 270 -9.11 -6.26 16.11
CA LEU B 270 -9.79 -4.98 15.96
C LEU B 270 -10.76 -5.04 14.80
N PHE B 271 -12.02 -5.35 15.11
CA PHE B 271 -13.07 -5.46 14.11
C PHE B 271 -13.75 -4.13 13.87
N ILE B 272 -13.36 -3.41 12.84
CA ILE B 272 -13.99 -2.13 12.54
C ILE B 272 -15.00 -2.31 11.42
N ASP B 273 -16.29 -2.19 11.74
CA ASP B 273 -17.30 -2.34 10.69
C ASP B 273 -17.32 -0.99 9.97
N ASN B 274 -16.69 -0.97 8.79
CA ASN B 274 -16.58 0.21 7.97
C ASN B 274 -15.76 1.35 8.56
N ILE B 275 -14.58 1.53 7.97
CA ILE B 275 -13.66 2.57 8.39
C ILE B 275 -13.82 3.72 7.38
N PHE B 276 -14.66 3.52 6.37
CA PHE B 276 -14.93 4.55 5.37
C PHE B 276 -15.72 5.66 6.06
N ARG B 277 -16.72 5.23 6.84
CA ARG B 277 -17.59 6.12 7.58
C ARG B 277 -16.74 7.02 8.48
N PHE B 278 -15.50 6.60 8.70
CA PHE B 278 -14.54 7.34 9.50
C PHE B 278 -14.05 8.51 8.64
N VAL B 279 -13.88 8.24 7.34
CA VAL B 279 -13.44 9.24 6.37
C VAL B 279 -14.60 10.12 5.94
N GLN B 280 -15.73 9.51 5.62
CA GLN B 280 -16.91 10.26 5.20
C GLN B 280 -17.16 11.36 6.21
N ALA B 281 -17.26 10.97 7.48
CA ALA B 281 -17.50 11.90 8.56
C ALA B 281 -16.38 12.93 8.65
N GLY B 282 -15.23 12.59 8.07
CA GLY B 282 -14.09 13.50 8.07
C GLY B 282 -14.23 14.54 6.98
N SER B 283 -14.88 14.14 5.89
CA SER B 283 -15.10 15.03 4.76
C SER B 283 -16.04 16.14 5.19
N GLU B 284 -16.98 15.76 6.07
CA GLU B 284 -18.00 16.67 6.56
C GLU B 284 -17.55 17.81 7.46
N VAL B 285 -16.44 17.65 8.18
CA VAL B 285 -15.96 18.72 9.04
C VAL B 285 -15.00 19.63 8.25
N SER B 286 -14.32 19.03 7.28
CA SER B 286 -13.37 19.74 6.43
C SER B 286 -13.89 21.07 5.90
N ALA B 287 -14.68 21.01 4.83
CA ALA B 287 -15.23 22.23 4.23
C ALA B 287 -15.94 23.05 5.29
N LEU B 288 -16.46 22.37 6.31
CA LEU B 288 -17.17 23.02 7.39
C LEU B 288 -16.21 23.79 8.30
N LEU B 289 -14.94 23.43 8.25
CA LEU B 289 -13.91 24.09 9.05
C LEU B 289 -13.28 25.27 8.33
N GLY B 290 -13.35 25.26 7.00
CA GLY B 290 -12.80 26.35 6.23
C GLY B 290 -11.65 26.03 5.29
N ARG B 291 -11.47 24.76 4.95
CA ARG B 291 -10.39 24.37 4.05
C ARG B 291 -10.91 24.30 2.62
N MET B 292 -10.08 23.81 1.71
CA MET B 292 -10.45 23.69 0.32
C MET B 292 -10.59 22.22 -0.07
N PRO B 293 -11.75 21.83 -0.60
CA PRO B 293 -11.98 20.44 -1.02
C PRO B 293 -10.92 19.88 -1.94
N SER B 294 -10.92 18.55 -2.09
CA SER B 294 -9.96 17.85 -2.94
C SER B 294 -10.65 16.95 -3.97
N ALA B 295 -9.93 15.97 -4.49
CA ALA B 295 -10.47 15.06 -5.48
C ALA B 295 -11.73 14.37 -4.98
N VAL B 296 -12.84 14.63 -5.67
CA VAL B 296 -14.14 14.06 -5.34
C VAL B 296 -14.64 14.60 -3.99
N GLY B 297 -14.67 15.92 -3.88
CA GLY B 297 -15.15 16.60 -2.70
C GLY B 297 -14.48 16.32 -1.36
N TYR B 298 -13.61 15.31 -1.31
CA TYR B 298 -12.91 14.94 -0.08
C TYR B 298 -11.94 16.00 0.43
N GLN B 299 -11.66 15.96 1.73
CA GLN B 299 -10.78 16.93 2.37
C GLN B 299 -9.33 16.92 1.85
N PRO B 300 -8.58 18.01 2.07
CA PRO B 300 -7.18 18.04 1.61
C PRO B 300 -6.34 17.12 2.49
N THR B 301 -6.84 16.92 3.71
CA THR B 301 -6.19 16.09 4.70
C THR B 301 -6.75 14.66 4.70
N LEU B 302 -7.11 14.17 3.53
CA LEU B 302 -7.66 12.82 3.42
C LEU B 302 -6.65 11.73 3.78
N SER B 303 -5.40 11.92 3.38
CA SER B 303 -4.34 10.95 3.61
C SER B 303 -3.58 11.10 4.93
N THR B 304 -3.77 12.23 5.61
CA THR B 304 -3.09 12.45 6.89
C THR B 304 -3.98 11.93 8.01
N GLU B 305 -5.26 11.77 7.71
CA GLU B 305 -6.23 11.33 8.70
C GLU B 305 -6.48 9.81 8.76
N MET B 306 -6.60 9.14 7.61
CA MET B 306 -6.81 7.70 7.64
C MET B 306 -5.47 6.97 7.72
N GLY B 307 -4.39 7.75 7.83
CA GLY B 307 -3.07 7.15 7.92
C GLY B 307 -2.58 7.11 9.36
N SER B 308 -2.63 8.25 10.04
CA SER B 308 -2.19 8.31 11.42
C SER B 308 -2.92 7.30 12.29
N LEU B 309 -4.14 6.95 11.88
CA LEU B 309 -4.95 6.00 12.63
C LEU B 309 -5.13 4.73 11.80
N GLN B 310 -4.00 4.10 11.48
CA GLN B 310 -3.97 2.88 10.69
C GLN B 310 -2.56 2.29 10.80
N GLU B 311 -1.74 2.95 11.62
CA GLU B 311 -0.37 2.52 11.86
C GLU B 311 -0.16 2.45 13.36
N ARG B 312 -1.29 2.44 14.05
CA ARG B 312 -1.36 2.32 15.50
C ARG B 312 -2.13 1.02 15.59
N ILE B 313 -2.91 0.78 14.53
CA ILE B 313 -3.68 -0.44 14.38
C ILE B 313 -2.61 -1.36 13.81
N THR B 314 -1.75 -1.91 14.66
CA THR B 314 -0.71 -2.78 14.14
C THR B 314 -0.01 -3.67 15.16
N SER B 315 0.78 -4.61 14.62
CA SER B 315 1.52 -5.56 15.43
C SER B 315 2.92 -5.06 15.75
N THR B 316 3.24 -4.98 17.04
CA THR B 316 4.55 -4.54 17.49
C THR B 316 5.20 -5.76 18.13
N LYS B 317 6.44 -5.59 18.57
CA LYS B 317 7.17 -6.70 19.20
C LYS B 317 6.56 -7.02 20.56
N GLU B 318 5.90 -6.02 21.14
CA GLU B 318 5.27 -6.15 22.44
C GLU B 318 4.05 -7.08 22.42
N GLY B 319 3.47 -7.25 21.24
CA GLY B 319 2.30 -8.11 21.11
C GLY B 319 1.79 -8.23 19.67
N SER B 320 0.52 -7.90 19.46
CA SER B 320 -0.04 -7.98 18.13
C SER B 320 -1.45 -7.38 18.00
N ILE B 321 -1.81 -7.05 16.77
CA ILE B 321 -3.12 -6.48 16.45
C ILE B 321 -3.47 -6.98 15.05
N THR B 322 -4.50 -7.79 14.92
CA THR B 322 -4.90 -8.33 13.63
C THR B 322 -6.25 -7.75 13.25
N SER B 323 -6.26 -6.50 12.79
CA SER B 323 -7.50 -5.81 12.43
C SER B 323 -8.16 -6.21 11.12
N ILE B 324 -9.32 -6.84 11.25
CA ILE B 324 -10.11 -7.25 10.10
C ILE B 324 -11.04 -6.08 9.85
N GLN B 325 -10.62 -5.19 8.96
CA GLN B 325 -11.38 -3.97 8.64
C GLN B 325 -12.24 -4.00 7.38
N ALA B 326 -13.32 -3.21 7.38
CA ALA B 326 -14.25 -3.12 6.26
C ALA B 326 -14.26 -1.70 5.72
N VAL B 327 -14.52 -1.54 4.42
CA VAL B 327 -14.53 -0.23 3.80
C VAL B 327 -15.67 -0.02 2.80
N TYR B 328 -16.40 1.09 2.94
CA TYR B 328 -17.49 1.38 2.01
C TYR B 328 -16.96 2.00 0.73
N VAL B 329 -17.47 1.54 -0.41
CA VAL B 329 -17.06 2.00 -1.74
C VAL B 329 -18.16 2.83 -2.41
N PRO B 330 -18.07 4.17 -2.31
CA PRO B 330 -19.04 5.11 -2.91
C PRO B 330 -19.35 4.92 -4.39
N ALA B 331 -20.57 4.47 -4.66
CA ALA B 331 -21.07 4.23 -6.02
C ALA B 331 -20.35 3.13 -6.79
N ASP B 332 -19.89 2.10 -6.09
CA ASP B 332 -19.22 0.96 -6.73
C ASP B 332 -17.87 1.33 -7.34
N ASP B 333 -17.47 2.59 -7.20
CA ASP B 333 -16.20 3.05 -7.78
C ASP B 333 -14.98 2.86 -6.87
N LEU B 334 -13.99 2.12 -7.37
CA LEU B 334 -12.76 1.89 -6.61
C LEU B 334 -11.82 3.09 -6.73
N THR B 335 -11.91 3.79 -7.85
CA THR B 335 -11.08 4.97 -8.12
C THR B 335 -11.26 6.03 -7.02
N ASP B 336 -12.46 6.09 -6.47
CA ASP B 336 -12.81 7.03 -5.41
C ASP B 336 -11.65 7.17 -4.43
N PRO B 337 -11.31 8.42 -4.06
CA PRO B 337 -10.21 8.69 -3.12
C PRO B 337 -10.25 8.00 -1.76
N ALA B 338 -11.41 8.04 -1.09
CA ALA B 338 -11.56 7.46 0.24
C ALA B 338 -11.26 5.96 0.36
N PRO B 339 -11.91 5.12 -0.46
CA PRO B 339 -11.62 3.69 -0.34
C PRO B 339 -10.26 3.30 -0.91
N ALA B 340 -9.86 3.96 -2.00
CA ALA B 340 -8.58 3.66 -2.64
C ALA B 340 -7.43 3.92 -1.67
N THR B 341 -7.56 4.98 -0.88
CA THR B 341 -6.53 5.34 0.09
C THR B 341 -6.23 4.19 1.04
N THR B 342 -7.25 3.41 1.39
CA THR B 342 -7.10 2.29 2.32
C THR B 342 -6.08 1.24 1.88
N PHE B 343 -6.23 0.75 0.65
CA PHE B 343 -5.36 -0.28 0.07
C PHE B 343 -3.90 -0.32 0.53
N ALA B 344 -3.21 0.82 0.48
CA ALA B 344 -1.82 0.89 0.88
C ALA B 344 -1.58 0.33 2.28
N HIS B 345 -2.58 0.49 3.13
CA HIS B 345 -2.51 0.03 4.52
C HIS B 345 -3.06 -1.38 4.69
N LEU B 346 -2.80 -2.27 3.73
CA LEU B 346 -3.33 -3.63 3.84
C LEU B 346 -2.43 -4.75 3.32
N ASP B 347 -2.33 -5.81 4.10
CA ASP B 347 -1.53 -6.98 3.75
C ASP B 347 -2.42 -7.97 3.02
N ALA B 348 -3.61 -7.50 2.62
CA ALA B 348 -4.59 -8.32 1.92
C ALA B 348 -5.82 -7.47 1.60
N THR B 349 -6.68 -8.01 0.76
CA THR B 349 -7.90 -7.33 0.38
C THR B 349 -8.95 -8.37 0.01
N THR B 350 -10.21 -7.94 0.00
CA THR B 350 -11.29 -8.83 -0.36
C THR B 350 -12.37 -7.95 -0.96
N VAL B 351 -12.18 -7.63 -2.23
CA VAL B 351 -13.12 -6.78 -2.95
C VAL B 351 -14.36 -7.55 -3.40
N LEU B 352 -15.47 -7.27 -2.74
CA LEU B 352 -16.74 -7.91 -3.05
C LEU B 352 -17.39 -7.21 -4.24
N SER B 353 -17.94 -8.00 -5.14
CA SER B 353 -18.60 -7.49 -6.34
C SER B 353 -20.13 -7.43 -6.21
N ARG B 354 -20.75 -6.53 -6.98
CA ARG B 354 -22.20 -6.39 -6.96
C ARG B 354 -22.82 -7.23 -8.07
N GLY B 355 -22.03 -7.48 -9.10
CA GLY B 355 -22.50 -8.30 -10.21
C GLY B 355 -22.34 -9.75 -9.86
N LEU B 356 -21.26 -10.05 -9.14
CA LEU B 356 -20.98 -11.41 -8.71
C LEU B 356 -21.87 -11.72 -7.52
N ALA B 357 -22.54 -10.69 -7.01
CA ALA B 357 -23.46 -10.82 -5.89
C ALA B 357 -24.85 -10.97 -6.49
N ALA B 358 -25.01 -10.42 -7.69
CA ALA B 358 -26.27 -10.47 -8.40
C ALA B 358 -26.43 -11.86 -9.03
N LYS B 359 -25.43 -12.71 -8.82
CA LYS B 359 -25.46 -14.07 -9.37
C LYS B 359 -25.81 -15.13 -8.33
N GLY B 360 -25.93 -14.71 -7.06
CA GLY B 360 -26.27 -15.66 -6.02
C GLY B 360 -25.08 -16.38 -5.40
N ILE B 361 -23.88 -16.01 -5.84
CA ILE B 361 -22.65 -16.61 -5.31
C ILE B 361 -22.21 -15.81 -4.08
N TYR B 362 -22.28 -16.44 -2.92
CA TYR B 362 -21.89 -15.79 -1.66
C TYR B 362 -20.91 -16.64 -0.87
N PRO B 363 -19.93 -16.00 -0.20
CA PRO B 363 -19.73 -14.55 -0.18
C PRO B 363 -19.31 -14.03 -1.55
N ALA B 364 -19.99 -12.98 -2.02
CA ALA B 364 -19.69 -12.39 -3.31
C ALA B 364 -18.29 -11.80 -3.29
N VAL B 365 -17.29 -12.67 -3.52
CA VAL B 365 -15.89 -12.26 -3.52
C VAL B 365 -15.29 -12.52 -4.90
N ASP B 366 -14.78 -11.44 -5.52
CA ASP B 366 -14.16 -11.55 -6.85
C ASP B 366 -12.86 -12.32 -6.67
N PRO B 367 -12.83 -13.59 -7.13
CA PRO B 367 -11.63 -14.41 -7.02
C PRO B 367 -10.39 -13.80 -7.66
N LEU B 368 -10.60 -12.80 -8.52
CA LEU B 368 -9.50 -12.14 -9.19
C LEU B 368 -9.03 -10.93 -8.40
N ASP B 369 -9.98 -10.13 -7.91
CA ASP B 369 -9.66 -8.92 -7.17
C ASP B 369 -9.71 -9.06 -5.64
N SER B 370 -8.68 -9.69 -5.09
CA SER B 370 -8.54 -9.91 -3.65
C SER B 370 -7.17 -10.53 -3.39
N THR B 371 -6.22 -9.68 -2.99
CA THR B 371 -4.85 -10.11 -2.74
C THR B 371 -4.47 -10.33 -1.27
N SER B 372 -3.23 -10.77 -1.08
CA SER B 372 -2.65 -11.03 0.23
C SER B 372 -1.15 -11.26 0.08
N THR B 373 -0.36 -10.46 0.80
CA THR B 373 1.09 -10.56 0.72
C THR B 373 1.59 -11.97 1.00
N MET B 374 0.87 -12.70 1.85
CA MET B 374 1.29 -14.05 2.20
C MET B 374 0.97 -15.09 1.14
N LEU B 375 0.65 -14.63 -0.08
CA LEU B 375 0.35 -15.52 -1.19
C LEU B 375 1.71 -15.92 -1.77
N GLN B 376 2.58 -16.46 -0.91
CA GLN B 376 3.91 -16.86 -1.33
C GLN B 376 4.20 -18.29 -0.91
N PRO B 377 4.92 -19.06 -1.75
CA PRO B 377 5.25 -20.45 -1.43
C PRO B 377 6.18 -20.53 -0.23
N ARG B 378 6.85 -19.43 0.07
CA ARG B 378 7.79 -19.36 1.19
C ARG B 378 7.09 -19.19 2.54
N ILE B 379 5.78 -18.97 2.52
CA ILE B 379 5.04 -18.79 3.77
C ILE B 379 3.82 -19.71 3.93
N VAL B 380 3.35 -20.32 2.84
CA VAL B 380 2.20 -21.20 2.91
C VAL B 380 2.37 -22.62 2.32
N GLY B 381 2.91 -22.70 1.11
CA GLY B 381 3.10 -24.01 0.48
C GLY B 381 2.91 -23.97 -1.02
N GLU B 382 3.49 -24.94 -1.73
CA GLU B 382 3.36 -24.98 -3.19
C GLU B 382 1.97 -25.43 -3.63
N GLU B 383 1.41 -26.39 -2.90
CA GLU B 383 0.09 -26.93 -3.22
C GLU B 383 -0.96 -25.85 -3.05
N HIS B 384 -0.74 -24.99 -2.06
CA HIS B 384 -1.61 -23.88 -1.73
C HIS B 384 -1.34 -22.76 -2.76
N TYR B 385 -0.08 -22.62 -3.13
CA TYR B 385 0.37 -21.61 -4.09
C TYR B 385 -0.09 -21.91 -5.51
N GLU B 386 0.34 -23.04 -6.05
CA GLU B 386 0.00 -23.43 -7.42
C GLU B 386 -1.49 -23.43 -7.69
N ILE B 387 -2.23 -24.25 -6.95
CA ILE B 387 -3.68 -24.35 -7.12
C ILE B 387 -4.33 -22.97 -7.08
N ALA B 388 -3.87 -22.14 -6.17
CA ALA B 388 -4.40 -20.78 -6.03
C ALA B 388 -4.36 -20.11 -7.40
N GLN B 389 -3.19 -20.16 -8.03
CA GLN B 389 -3.00 -19.56 -9.35
C GLN B 389 -3.76 -20.36 -10.42
N ARG B 390 -3.62 -21.67 -10.39
CA ARG B 390 -4.30 -22.55 -11.35
C ARG B 390 -5.79 -22.21 -11.41
N VAL B 391 -6.37 -21.98 -10.23
CA VAL B 391 -7.78 -21.64 -10.10
C VAL B 391 -8.09 -20.30 -10.77
N LYS B 392 -7.23 -19.33 -10.52
CA LYS B 392 -7.38 -17.98 -11.05
C LYS B 392 -7.05 -17.92 -12.56
N GLU B 393 -6.18 -18.81 -13.01
CA GLU B 393 -5.79 -18.87 -14.42
C GLU B 393 -7.04 -19.08 -15.27
N THR B 394 -7.77 -20.13 -14.91
CA THR B 394 -9.00 -20.50 -15.59
C THR B 394 -10.03 -19.38 -15.42
N LEU B 395 -10.03 -18.76 -14.25
CA LEU B 395 -10.96 -17.68 -13.95
C LEU B 395 -10.61 -16.45 -14.76
N GLN B 396 -9.43 -16.49 -15.38
CA GLN B 396 -8.98 -15.41 -16.24
C GLN B 396 -9.37 -15.86 -17.64
N ARG B 397 -9.19 -17.16 -17.89
CA ARG B 397 -9.53 -17.75 -19.17
C ARG B 397 -11.01 -17.53 -19.50
N TYR B 398 -11.88 -18.17 -18.72
CA TYR B 398 -13.32 -18.03 -18.95
C TYR B 398 -13.76 -16.58 -18.99
N LYS B 399 -13.18 -15.74 -18.15
CA LYS B 399 -13.55 -14.33 -18.12
C LYS B 399 -13.18 -13.66 -19.43
N GLU B 400 -12.13 -14.16 -20.07
CA GLU B 400 -11.70 -13.60 -21.35
C GLU B 400 -12.38 -14.37 -22.49
N LEU B 401 -13.17 -15.37 -22.12
CA LEU B 401 -13.89 -16.18 -23.10
C LEU B 401 -15.37 -15.80 -23.13
N GLN B 402 -15.80 -15.11 -22.06
CA GLN B 402 -17.18 -14.69 -21.93
C GLN B 402 -17.68 -13.85 -23.12
N ASP B 403 -17.19 -12.63 -23.20
CA ASP B 403 -17.57 -11.71 -24.27
C ASP B 403 -17.42 -12.36 -25.64
N ILE B 404 -16.52 -13.33 -25.73
CA ILE B 404 -16.27 -14.04 -26.97
C ILE B 404 -17.37 -15.05 -27.29
N ILE B 405 -17.59 -16.00 -26.38
CA ILE B 405 -18.61 -17.03 -26.58
C ILE B 405 -20.04 -16.50 -26.49
N ALA B 406 -20.22 -15.46 -25.68
CA ALA B 406 -21.54 -14.86 -25.50
C ALA B 406 -22.12 -14.41 -26.84
N ILE B 407 -21.29 -14.43 -27.88
CA ILE B 407 -21.71 -14.01 -29.20
C ILE B 407 -21.16 -14.91 -30.31
N LEU B 408 -19.96 -15.45 -30.10
CA LEU B 408 -19.35 -16.33 -31.08
C LEU B 408 -19.71 -17.79 -30.81
N GLY B 409 -20.60 -18.01 -29.87
CA GLY B 409 -21.04 -19.36 -29.53
C GLY B 409 -19.94 -20.24 -28.96
N LEU B 410 -20.03 -21.54 -29.25
CA LEU B 410 -19.05 -22.50 -28.75
C LEU B 410 -18.67 -23.52 -29.83
N ASP B 411 -19.58 -23.74 -30.78
CA ASP B 411 -19.38 -24.71 -31.86
C ASP B 411 -17.97 -24.78 -32.48
N GLU B 412 -17.24 -23.66 -32.47
CA GLU B 412 -15.90 -23.64 -33.05
C GLU B 412 -14.81 -23.59 -31.99
N LEU B 413 -15.20 -23.73 -30.74
CA LEU B 413 -14.26 -23.71 -29.62
C LEU B 413 -13.58 -25.07 -29.52
N SER B 414 -12.27 -25.07 -29.34
CA SER B 414 -11.51 -26.32 -29.23
C SER B 414 -11.96 -27.15 -28.03
N GLU B 415 -11.78 -28.46 -28.14
CA GLU B 415 -12.15 -29.37 -27.07
C GLU B 415 -11.18 -29.17 -25.91
N GLU B 416 -10.20 -28.30 -26.14
CA GLU B 416 -9.19 -27.98 -25.13
C GLU B 416 -9.53 -26.66 -24.45
N ASP B 417 -10.60 -26.02 -24.91
CA ASP B 417 -11.04 -24.75 -24.35
C ASP B 417 -12.45 -24.82 -23.77
N ARG B 418 -13.27 -25.75 -24.27
CA ARG B 418 -14.61 -25.91 -23.76
C ARG B 418 -14.48 -26.53 -22.39
N LEU B 419 -13.29 -27.06 -22.12
CA LEU B 419 -12.98 -27.70 -20.84
C LEU B 419 -12.73 -26.60 -19.81
N THR B 420 -12.18 -25.48 -20.26
CA THR B 420 -11.91 -24.37 -19.35
C THR B 420 -13.25 -23.89 -18.80
N VAL B 421 -14.22 -23.77 -19.69
CA VAL B 421 -15.56 -23.31 -19.31
C VAL B 421 -16.14 -24.14 -18.17
N ALA B 422 -16.47 -25.39 -18.46
CA ALA B 422 -17.03 -26.30 -17.47
C ALA B 422 -16.29 -26.26 -16.14
N ARG B 423 -14.98 -26.50 -16.18
CA ARG B 423 -14.17 -26.50 -14.97
C ARG B 423 -14.25 -25.18 -14.22
N ALA B 424 -14.10 -24.08 -14.94
CA ALA B 424 -14.17 -22.75 -14.34
C ALA B 424 -15.52 -22.55 -13.66
N ARG B 425 -16.58 -22.88 -14.38
CA ARG B 425 -17.93 -22.75 -13.86
C ARG B 425 -18.13 -23.65 -12.64
N LYS B 426 -17.26 -24.65 -12.50
CA LYS B 426 -17.32 -25.56 -11.36
C LYS B 426 -16.45 -24.96 -10.26
N ILE B 427 -15.55 -24.07 -10.65
CA ILE B 427 -14.67 -23.41 -9.70
C ILE B 427 -15.44 -22.22 -9.12
N GLU B 428 -16.02 -21.43 -10.02
CA GLU B 428 -16.80 -20.26 -9.65
C GLU B 428 -18.01 -20.61 -8.78
N ARG B 429 -18.37 -21.89 -8.79
CA ARG B 429 -19.50 -22.37 -7.99
C ARG B 429 -19.03 -23.07 -6.73
N PHE B 430 -17.84 -23.67 -6.79
CA PHE B 430 -17.28 -24.32 -5.61
C PHE B 430 -16.74 -23.22 -4.73
N LEU B 431 -16.64 -22.02 -5.30
CA LEU B 431 -16.15 -20.84 -4.58
C LEU B 431 -17.35 -20.12 -3.95
N SER B 432 -18.40 -20.89 -3.70
CA SER B 432 -19.62 -20.38 -3.09
C SER B 432 -19.86 -21.19 -1.82
N GLN B 433 -20.05 -20.49 -0.71
CA GLN B 433 -20.25 -21.16 0.57
C GLN B 433 -21.21 -20.39 1.48
N PRO B 434 -22.26 -21.06 2.00
CA PRO B 434 -23.23 -20.42 2.89
C PRO B 434 -22.59 -19.99 4.21
N PHE B 435 -23.34 -19.24 5.03
CA PHE B 435 -22.82 -18.77 6.30
C PHE B 435 -23.64 -19.21 7.52
N PHE B 436 -22.98 -19.24 8.67
CA PHE B 436 -23.63 -19.61 9.92
C PHE B 436 -24.45 -18.43 10.41
N VAL B 437 -24.23 -17.29 9.76
CA VAL B 437 -24.95 -16.06 10.08
C VAL B 437 -25.97 -15.82 8.98
N ALA B 438 -25.59 -16.17 7.75
CA ALA B 438 -26.46 -15.99 6.60
C ALA B 438 -27.36 -17.21 6.40
N GLU B 439 -27.70 -17.88 7.51
CA GLU B 439 -28.57 -19.04 7.44
C GLU B 439 -29.98 -18.59 7.08
N VAL B 440 -30.13 -17.29 6.87
CA VAL B 440 -31.41 -16.70 6.52
C VAL B 440 -31.46 -16.22 5.07
N PHE B 441 -30.29 -16.19 4.43
CA PHE B 441 -30.20 -15.76 3.04
C PHE B 441 -29.99 -16.95 2.10
N THR B 442 -29.29 -17.97 2.57
CA THR B 442 -29.03 -19.16 1.77
C THR B 442 -30.14 -20.18 1.99
N GLY B 443 -30.41 -20.49 3.26
CA GLY B 443 -31.44 -21.45 3.59
C GLY B 443 -30.86 -22.84 3.83
N SER B 444 -29.54 -22.93 3.83
CA SER B 444 -28.86 -24.21 4.06
C SER B 444 -27.92 -24.09 5.24
N PRO B 445 -27.62 -25.22 5.90
CA PRO B 445 -26.71 -25.17 7.06
C PRO B 445 -25.29 -24.80 6.64
N GLY B 446 -24.66 -23.92 7.42
CA GLY B 446 -23.31 -23.49 7.10
C GLY B 446 -22.26 -24.57 7.19
N LYS B 447 -21.07 -24.27 6.67
CA LYS B 447 -19.96 -25.21 6.68
C LYS B 447 -18.63 -24.48 6.81
N TYR B 448 -17.83 -24.84 7.82
CA TYR B 448 -16.52 -24.24 8.04
C TYR B 448 -15.54 -24.98 7.11
N VAL B 449 -14.95 -24.29 6.15
CA VAL B 449 -14.02 -24.95 5.23
C VAL B 449 -12.58 -24.45 5.35
N GLY B 450 -11.79 -25.12 6.18
CA GLY B 450 -10.40 -24.74 6.38
C GLY B 450 -9.51 -24.90 5.16
N LEU B 451 -8.21 -24.70 5.35
CA LEU B 451 -7.22 -24.81 4.29
C LEU B 451 -7.21 -26.14 3.54
N ALA B 452 -6.64 -27.16 4.18
CA ALA B 452 -6.52 -28.49 3.61
C ALA B 452 -7.74 -28.99 2.82
N GLU B 453 -8.92 -28.86 3.41
CA GLU B 453 -10.14 -29.31 2.76
C GLU B 453 -10.39 -28.51 1.47
N THR B 454 -10.07 -27.23 1.51
CA THR B 454 -10.24 -26.34 0.36
C THR B 454 -9.19 -26.62 -0.71
N ILE B 455 -7.93 -26.63 -0.28
CA ILE B 455 -6.80 -26.87 -1.18
C ILE B 455 -6.97 -28.15 -2.01
N ARG B 456 -7.31 -29.25 -1.34
CA ARG B 456 -7.52 -30.53 -2.02
C ARG B 456 -8.75 -30.50 -2.92
N GLY B 457 -9.85 -30.03 -2.37
CA GLY B 457 -11.10 -29.97 -3.13
C GLY B 457 -10.95 -29.35 -4.50
N PHE B 458 -10.17 -28.28 -4.59
CA PHE B 458 -9.93 -27.59 -5.85
C PHE B 458 -8.94 -28.36 -6.70
N GLN B 459 -8.02 -29.06 -6.05
CA GLN B 459 -7.02 -29.83 -6.75
C GLN B 459 -7.73 -30.92 -7.54
N LEU B 460 -8.79 -31.47 -6.94
CA LEU B 460 -9.57 -32.51 -7.57
C LEU B 460 -10.41 -31.93 -8.72
N ILE B 461 -10.51 -30.61 -8.78
CA ILE B 461 -11.26 -29.93 -9.82
C ILE B 461 -10.34 -29.66 -11.01
N LEU B 462 -9.25 -28.95 -10.72
CA LEU B 462 -8.25 -28.59 -11.72
C LEU B 462 -7.62 -29.80 -12.39
N SER B 463 -7.97 -31.00 -11.90
CA SER B 463 -7.44 -32.24 -12.44
C SER B 463 -8.41 -32.94 -13.37
N GLY B 464 -9.65 -32.45 -13.41
CA GLY B 464 -10.65 -33.07 -14.27
C GLY B 464 -11.11 -34.42 -13.75
N GLU B 465 -10.98 -34.63 -12.44
CA GLU B 465 -11.40 -35.88 -11.81
C GLU B 465 -12.88 -35.74 -11.45
N LEU B 466 -13.45 -34.61 -11.85
CA LEU B 466 -14.85 -34.31 -11.57
C LEU B 466 -15.52 -33.65 -12.79
N ASP B 467 -14.98 -33.91 -13.98
CA ASP B 467 -15.52 -33.34 -15.21
C ASP B 467 -16.94 -33.82 -15.51
N SER B 468 -17.37 -34.86 -14.80
CA SER B 468 -18.71 -35.41 -15.01
C SER B 468 -19.75 -34.69 -14.16
N LEU B 469 -19.37 -34.34 -12.94
CA LEU B 469 -20.26 -33.66 -12.00
C LEU B 469 -20.82 -32.36 -12.56
N PRO B 470 -22.12 -32.10 -12.34
CA PRO B 470 -22.74 -30.87 -12.83
C PRO B 470 -22.30 -29.66 -12.03
N GLU B 471 -22.60 -28.48 -12.56
CA GLU B 471 -22.21 -27.23 -11.93
C GLU B 471 -22.88 -27.04 -10.56
N GLN B 472 -24.21 -27.12 -10.54
CA GLN B 472 -24.97 -26.92 -9.32
C GLN B 472 -24.67 -27.94 -8.21
N ALA B 473 -23.60 -28.71 -8.39
CA ALA B 473 -23.21 -29.70 -7.40
C ALA B 473 -22.16 -29.12 -6.47
N PHE B 474 -21.53 -28.04 -6.93
CA PHE B 474 -20.51 -27.36 -6.15
C PHE B 474 -21.07 -26.09 -5.51
N TYR B 475 -22.23 -25.65 -5.98
CA TYR B 475 -22.91 -24.45 -5.47
C TYR B 475 -23.45 -24.68 -4.06
N LEU B 476 -23.11 -23.77 -3.15
CA LEU B 476 -23.56 -23.86 -1.77
C LEU B 476 -23.26 -25.20 -1.12
N VAL B 477 -22.02 -25.66 -1.23
CA VAL B 477 -21.61 -26.94 -0.64
C VAL B 477 -20.46 -26.71 0.34
N GLY B 478 -20.30 -27.62 1.29
CA GLY B 478 -19.23 -27.47 2.27
C GLY B 478 -17.88 -27.86 1.71
N ASN B 479 -17.65 -29.16 1.57
CA ASN B 479 -16.40 -29.67 1.05
C ASN B 479 -16.65 -30.27 -0.33
N ILE B 480 -15.59 -30.82 -0.94
CA ILE B 480 -15.72 -31.43 -2.25
C ILE B 480 -16.63 -32.65 -2.15
N ASP B 481 -16.54 -33.35 -1.02
CA ASP B 481 -17.35 -34.54 -0.77
C ASP B 481 -18.82 -34.15 -0.74
N GLU B 482 -19.10 -32.99 -0.16
CA GLU B 482 -20.47 -32.49 -0.10
C GLU B 482 -20.89 -32.04 -1.49
N ALA B 483 -19.93 -32.08 -2.42
CA ALA B 483 -20.18 -31.68 -3.81
C ALA B 483 -20.22 -32.93 -4.70
N THR B 484 -20.25 -34.07 -4.07
CA THR B 484 -20.32 -35.32 -4.76
C THR B 484 -21.32 -35.97 -3.80
N ALA B 485 -22.61 -35.61 -3.80
CA ALA B 485 -23.55 -36.15 -2.80
C ALA B 485 -25.11 -35.99 -2.89
#